data_8XCI
#
_entry.id   8XCI
#
_cell.length_a   1.00
_cell.length_b   1.00
_cell.length_c   1.00
_cell.angle_alpha   90.00
_cell.angle_beta   90.00
_cell.angle_gamma   90.00
#
_symmetry.space_group_name_H-M   'P 1'
#
_entity_poly.entity_id   1
_entity_poly.type   'polypeptide(L)'
_entity_poly.pdbx_seq_one_letter_code
;MGKGSSKGHTPREAKDNLKSTQLLSVIDAISEGPIEGPVDGLKSVLLNSTPVLDTEGNTNISGVTVVFRAGEQEQTPPEG
FESSGSETVLGTEVKYDTPITRTITSANIDRLRFTFGVQALVETTSKGDRNPSEVRLLVQIQRNGGWVTEKDITIKGKTT
SQYLASVVMGNLPPRPFNIRMRRMTPDSTTDQLQNKTLWSSYTEIIDVKQCYPNTALVGVQVDSEQFGSQQVSRNYHLRG
RILQVPSNYNPQTRQYSGIWDGTFKPAYSNNMAWCLWDMLTHPRYGMGKRLGAADVDKWALYVIGQYCDQSVPDGFGGTE
PRITCNAYLTTQRKAWDVLSDFCSAMRCMPVWNGQTLTFVQDRPSDKTWTYNRSNVVMPDDGAPFRYSFSALKDRHNAVE
VNWIDPNNGWETATELVEDTQAIARYGRNVTKMDAFGCTSRGQAHRAGLWLIKTELLETQTVDFSVGAEGLRHVPGDVIE
ICDDDYAGISTGGRVLAVNSQTRTLTLDREITLPSSGTALISLVDGSGNPVSVEVQSVTDGVKVKVSRVPDGVAEYSVWE
LKLPTLRQRLFRCVSIRENDDGTYAITAVQHVPEKEAIVDNGAHFDGEQSGTVNGVTPPAVQHLTAEVTADSGEYQVLAR
WDTPKVVKGVSFLLRLTVTADDGSERLVSTARTTETTYRFTQLALGNYRLTVRAVNAWGQQGDPASVSFRIAAPAAPSRI
ELTPGYFQITATPHLAVYDPTVQFEFWFSEKQIADIRQVETSTRYLGTALYWIAASINIKPGHDYYFYIRSVNTVGKSAF
VEAVGRASDDAEGYLDFFKGKITESHLGKELLEKVELTEDNASRLEEFSKEWKDASDKWNAMWAVKIEQTKDGKHYVAGI
GLSMEDTEEGKLSQFLVAANRIAFIDPANGNETPMFVAQGNQIFMNDVFLKRLTAPTITSGGNPPAFSLTPDGKLTAKNA
DISGSVNANSGTLSNVTIAENCTINGTLRAEKIVGDIVKAASAAFPRQRESSVDWPSGTRTVTVTDDHPFDRQIVVLPLT
FRGSKRTVSGRTTYSMCYLKVLMNGAVIYDGAANEAVQVFSRIVDMPAGRGNVILTFTLTSTRHSADIPPYTFASDVQVM
VIKKQALGISVV
;
_entity_poly.pdbx_strand_id   F,J,Z
#
# COMPACT_ATOMS: atom_id res chain seq x y z
N VAL A 616 13.87 -32.61 -7.10
CA VAL A 616 13.90 -31.15 -6.78
C VAL A 616 15.11 -30.51 -7.48
N THR A 617 14.91 -29.29 -7.96
CA THR A 617 15.99 -28.34 -8.34
C THR A 617 15.82 -27.13 -7.44
N PRO A 618 16.90 -26.49 -6.96
CA PRO A 618 16.77 -25.21 -6.27
C PRO A 618 16.17 -24.19 -7.21
N PRO A 619 15.44 -23.21 -6.69
CA PRO A 619 14.66 -22.36 -7.56
C PRO A 619 15.59 -21.60 -8.50
N ALA A 620 14.99 -20.68 -9.23
CA ALA A 620 15.70 -19.74 -10.11
C ALA A 620 16.58 -18.81 -9.26
N VAL A 621 17.47 -18.16 -9.99
CA VAL A 621 18.25 -17.01 -9.50
C VAL A 621 17.35 -15.78 -9.66
N GLN A 622 17.16 -15.10 -8.50
CA GLN A 622 16.46 -13.81 -8.33
C GLN A 622 17.53 -12.70 -8.26
N HIS A 623 17.07 -11.45 -8.49
CA HIS A 623 17.82 -10.17 -8.49
C HIS A 623 19.33 -10.26 -8.86
N LEU A 624 19.73 -10.85 -10.01
CA LEU A 624 21.09 -10.70 -10.64
C LEU A 624 21.35 -9.24 -11.03
N THR A 625 22.61 -8.80 -10.98
CA THR A 625 23.03 -7.43 -11.34
C THR A 625 24.33 -7.49 -12.13
N ALA A 626 24.55 -6.53 -13.05
CA ALA A 626 25.79 -6.40 -13.87
C ALA A 626 26.43 -5.02 -13.69
N GLU A 627 27.20 -4.88 -12.60
CA GLU A 627 27.85 -3.62 -12.15
C GLU A 627 29.37 -3.71 -12.41
N VAL A 628 30.05 -2.58 -12.25
CA VAL A 628 31.45 -2.29 -12.68
C VAL A 628 32.13 -1.42 -11.59
N THR A 629 32.94 -2.00 -10.69
CA THR A 629 33.64 -1.28 -9.56
C THR A 629 35.11 -1.03 -9.94
N ALA A 630 35.73 0.02 -9.38
CA ALA A 630 37.18 0.31 -9.49
C ALA A 630 37.74 0.80 -8.13
N ASP A 631 37.16 0.33 -7.01
CA ASP A 631 37.43 0.83 -5.63
C ASP A 631 38.88 0.56 -5.21
N SER A 632 39.37 -0.67 -5.40
CA SER A 632 40.69 -1.17 -4.89
C SER A 632 41.87 -0.74 -5.79
N GLY A 633 41.66 0.18 -6.73
CA GLY A 633 42.73 0.74 -7.59
C GLY A 633 42.60 0.32 -9.05
N GLU A 634 42.03 -0.86 -9.33
CA GLU A 634 41.71 -1.33 -10.70
C GLU A 634 40.23 -1.71 -10.76
N TYR A 635 39.75 -2.06 -11.95
CA TYR A 635 38.33 -2.44 -12.22
C TYR A 635 38.00 -3.76 -11.53
N GLN A 636 36.79 -3.87 -10.97
CA GLN A 636 36.23 -5.12 -10.38
C GLN A 636 34.74 -5.21 -10.71
N VAL A 637 34.25 -6.37 -11.15
CA VAL A 637 32.80 -6.62 -11.44
C VAL A 637 32.23 -7.47 -10.29
N LEU A 638 31.33 -6.89 -9.51
CA LEU A 638 30.58 -7.61 -8.45
C LEU A 638 29.24 -8.06 -9.06
N ALA A 639 28.64 -9.10 -8.50
CA ALA A 639 27.19 -9.34 -8.61
C ALA A 639 26.67 -9.83 -7.24
N ARG A 640 25.38 -9.60 -7.01
CA ARG A 640 24.63 -10.14 -5.86
C ARG A 640 23.42 -10.89 -6.42
N TRP A 641 23.14 -12.10 -5.90
CA TRP A 641 21.98 -12.98 -6.29
C TRP A 641 21.30 -13.51 -5.01
N ASP A 642 19.99 -13.31 -4.87
CA ASP A 642 19.18 -13.81 -3.70
C ASP A 642 18.29 -14.96 -4.19
N THR A 643 17.92 -15.84 -3.28
CA THR A 643 17.22 -17.11 -3.60
C THR A 643 15.72 -16.89 -3.38
N PRO A 644 14.82 -17.36 -4.32
CA PRO A 644 13.38 -17.37 -4.03
C PRO A 644 13.07 -17.95 -2.63
N LYS A 645 13.52 -19.19 -2.38
CA LYS A 645 13.03 -19.98 -1.23
C LYS A 645 14.11 -20.84 -0.53
N VAL A 646 15.34 -20.98 -1.01
CA VAL A 646 16.44 -21.58 -0.17
C VAL A 646 16.12 -23.07 0.07
N VAL A 647 17.04 -23.95 -0.30
CA VAL A 647 16.71 -25.38 -0.52
C VAL A 647 17.66 -26.29 0.24
N LYS A 648 17.92 -26.04 1.52
CA LYS A 648 18.76 -26.94 2.37
C LYS A 648 19.98 -27.41 1.54
N GLY A 649 20.92 -26.52 1.21
CA GLY A 649 22.09 -26.86 0.36
C GLY A 649 21.86 -26.47 -1.09
N VAL A 650 21.62 -25.18 -1.35
CA VAL A 650 21.75 -24.60 -2.72
C VAL A 650 23.22 -24.30 -2.97
N SER A 651 23.72 -24.64 -4.17
CA SER A 651 24.98 -24.14 -4.77
C SER A 651 24.65 -23.35 -6.05
N PHE A 652 25.56 -22.52 -6.55
CA PHE A 652 25.34 -21.71 -7.77
C PHE A 652 26.59 -21.75 -8.64
N LEU A 653 26.44 -22.19 -9.89
CA LEU A 653 27.42 -21.91 -10.98
C LEU A 653 27.10 -20.52 -11.54
N LEU A 654 28.13 -19.72 -11.84
CA LEU A 654 27.96 -18.40 -12.48
C LEU A 654 29.11 -18.19 -13.47
N ARG A 655 28.78 -17.76 -14.67
CA ARG A 655 29.67 -17.79 -15.84
C ARG A 655 29.81 -16.37 -16.38
N LEU A 656 31.00 -15.75 -16.25
CA LEU A 656 31.31 -14.41 -16.83
C LEU A 656 32.20 -14.59 -18.05
N THR A 657 31.79 -14.08 -19.20
CA THR A 657 32.47 -14.27 -20.50
C THR A 657 32.58 -12.90 -21.18
N VAL A 658 33.46 -12.78 -22.19
CA VAL A 658 33.74 -11.51 -22.93
C VAL A 658 33.26 -11.67 -24.37
N THR A 659 33.18 -10.55 -25.09
CA THR A 659 32.94 -10.49 -26.55
C THR A 659 34.27 -10.22 -27.27
N ALA A 660 34.59 -11.02 -28.30
CA ALA A 660 35.80 -10.89 -29.16
C ALA A 660 35.58 -9.80 -30.20
N ASP A 661 36.60 -9.52 -31.04
CA ASP A 661 36.55 -8.47 -32.09
C ASP A 661 35.54 -8.86 -33.17
N ASP A 662 35.31 -10.16 -33.38
CA ASP A 662 34.34 -10.72 -34.37
C ASP A 662 32.93 -10.83 -33.74
N GLY A 663 32.79 -10.47 -32.45
CA GLY A 663 31.52 -10.45 -31.71
C GLY A 663 31.21 -11.80 -31.07
N SER A 664 32.15 -12.76 -31.14
CA SER A 664 31.99 -14.16 -30.64
C SER A 664 31.97 -14.18 -29.11
N GLU A 665 31.93 -15.37 -28.53
CA GLU A 665 31.91 -15.64 -27.07
C GLU A 665 33.25 -16.26 -26.66
N ARG A 666 33.89 -15.76 -25.60
CA ARG A 666 35.11 -16.37 -24.99
C ARG A 666 34.89 -16.51 -23.48
N LEU A 667 35.12 -17.70 -22.93
CA LEU A 667 34.97 -17.91 -21.46
C LEU A 667 36.07 -17.13 -20.75
N VAL A 668 35.71 -16.45 -19.66
CA VAL A 668 36.64 -15.63 -18.84
C VAL A 668 36.77 -16.27 -17.44
N SER A 669 35.65 -16.52 -16.76
CA SER A 669 35.66 -16.93 -15.33
C SER A 669 34.38 -17.68 -14.97
N THR A 670 34.51 -18.94 -14.56
CA THR A 670 33.40 -19.77 -14.02
C THR A 670 33.63 -20.02 -12.54
N ALA A 671 32.67 -19.63 -11.73
CA ALA A 671 32.75 -19.80 -10.26
C ALA A 671 31.56 -20.66 -9.83
N ARG A 672 31.84 -21.72 -9.08
CA ARG A 672 30.81 -22.48 -8.33
C ARG A 672 30.96 -22.13 -6.84
N THR A 673 29.95 -21.48 -6.25
CA THR A 673 29.97 -21.10 -4.82
C THR A 673 28.59 -21.34 -4.21
N THR A 674 28.55 -21.39 -2.87
CA THR A 674 27.31 -21.54 -2.07
C THR A 674 26.94 -20.19 -1.43
N GLU A 675 27.67 -19.10 -1.71
CA GLU A 675 27.38 -17.74 -1.16
C GLU A 675 26.47 -16.99 -2.14
N THR A 676 25.89 -15.83 -1.71
CA THR A 676 24.85 -15.05 -2.48
C THR A 676 25.50 -13.83 -3.16
N THR A 677 26.81 -13.63 -3.04
CA THR A 677 27.51 -12.56 -3.82
C THR A 677 28.95 -12.95 -4.16
N TYR A 678 29.57 -12.25 -5.10
CA TYR A 678 30.95 -12.56 -5.56
C TYR A 678 31.47 -11.36 -6.33
N ARG A 679 32.79 -11.28 -6.48
CA ARG A 679 33.43 -10.16 -7.20
C ARG A 679 34.42 -10.78 -8.19
N PHE A 680 34.70 -10.09 -9.29
CA PHE A 680 35.75 -10.47 -10.27
C PHE A 680 36.77 -9.33 -10.35
N THR A 681 38.06 -9.65 -10.19
CA THR A 681 39.15 -8.65 -10.07
C THR A 681 40.12 -8.82 -11.24
N GLN A 682 40.96 -7.81 -11.45
CA GLN A 682 41.84 -7.66 -12.65
C GLN A 682 41.03 -8.00 -13.91
N LEU A 683 40.05 -7.17 -14.24
CA LEU A 683 39.24 -7.28 -15.49
C LEU A 683 39.47 -6.04 -16.37
N ALA A 684 40.00 -6.24 -17.59
CA ALA A 684 40.41 -5.18 -18.53
C ALA A 684 39.18 -4.62 -19.24
N LEU A 685 39.39 -3.86 -20.31
CA LEU A 685 38.31 -3.17 -21.05
C LEU A 685 37.63 -4.18 -21.99
N GLY A 686 36.38 -3.88 -22.42
CA GLY A 686 35.57 -4.71 -23.34
C GLY A 686 34.17 -5.06 -22.83
N ASN A 687 33.35 -5.69 -23.67
CA ASN A 687 31.93 -6.06 -23.39
C ASN A 687 31.88 -7.49 -22.82
N TYR A 688 31.06 -7.74 -21.79
CA TYR A 688 30.99 -9.02 -21.05
C TYR A 688 29.55 -9.54 -20.94
N ARG A 689 29.36 -10.85 -20.70
CA ARG A 689 28.05 -11.53 -20.42
C ARG A 689 28.13 -12.43 -19.17
N LEU A 690 27.16 -12.27 -18.25
CA LEU A 690 27.18 -12.90 -16.91
C LEU A 690 25.89 -13.65 -16.69
N THR A 691 25.98 -14.97 -16.49
CA THR A 691 24.87 -15.92 -16.23
C THR A 691 25.06 -16.56 -14.85
N VAL A 692 23.95 -16.93 -14.23
CA VAL A 692 23.95 -17.75 -12.99
C VAL A 692 22.96 -18.89 -13.25
N ARG A 693 23.27 -20.08 -12.74
CA ARG A 693 22.34 -21.22 -12.52
C ARG A 693 22.46 -21.66 -11.05
N ALA A 694 21.45 -22.37 -10.57
CA ALA A 694 21.45 -23.02 -9.25
C ALA A 694 21.67 -24.53 -9.48
N VAL A 695 22.63 -25.13 -8.76
CA VAL A 695 22.93 -26.59 -8.80
C VAL A 695 22.72 -27.16 -7.38
N ASN A 696 21.95 -28.24 -7.25
CA ASN A 696 21.72 -28.98 -5.98
C ASN A 696 22.91 -29.92 -5.72
N ALA A 697 22.88 -30.66 -4.61
CA ALA A 697 23.90 -31.68 -4.23
C ALA A 697 23.92 -32.79 -5.28
N TRP A 698 22.73 -33.27 -5.68
CA TRP A 698 22.52 -34.40 -6.62
C TRP A 698 23.03 -33.99 -8.02
N GLY A 699 23.27 -32.70 -8.25
CA GLY A 699 23.83 -32.15 -9.50
C GLY A 699 22.76 -31.91 -10.55
N GLN A 700 21.75 -31.07 -10.23
CA GLN A 700 20.67 -30.66 -11.16
C GLN A 700 20.70 -29.14 -11.32
N GLN A 701 21.51 -28.67 -12.29
CA GLN A 701 21.61 -27.25 -12.73
C GLN A 701 20.19 -26.75 -13.08
N GLY A 702 19.80 -25.59 -12.54
CA GLY A 702 18.46 -25.01 -12.76
C GLY A 702 18.45 -24.11 -13.99
N ASP A 703 17.35 -23.39 -14.18
CA ASP A 703 17.17 -22.31 -15.19
C ASP A 703 18.29 -21.27 -15.10
N PRO A 704 18.87 -20.77 -16.22
CA PRO A 704 19.86 -19.69 -16.16
C PRO A 704 19.31 -18.26 -16.29
N ALA A 705 19.98 -17.28 -15.67
CA ALA A 705 19.68 -15.82 -15.72
C ALA A 705 20.95 -15.03 -16.09
N SER A 706 20.95 -14.38 -17.25
CA SER A 706 22.16 -13.86 -17.95
C SER A 706 22.00 -12.39 -18.37
N VAL A 707 22.95 -11.52 -17.99
CA VAL A 707 22.91 -10.05 -18.25
C VAL A 707 24.20 -9.65 -18.95
N SER A 708 24.07 -8.81 -19.98
CA SER A 708 25.19 -8.22 -20.77
C SER A 708 25.60 -6.86 -20.21
N PHE A 709 26.88 -6.67 -19.86
CA PHE A 709 27.44 -5.40 -19.33
C PHE A 709 28.72 -5.02 -20.08
N ARG A 710 29.36 -3.91 -19.70
CA ARG A 710 30.49 -3.28 -20.44
C ARG A 710 31.46 -2.55 -19.49
N ILE A 711 32.77 -2.70 -19.73
CA ILE A 711 33.88 -1.91 -19.12
C ILE A 711 34.52 -1.09 -20.26
N ALA A 712 33.92 0.04 -20.61
CA ALA A 712 34.31 0.98 -21.68
C ALA A 712 33.21 2.04 -21.73
N ALA A 713 33.49 3.32 -21.91
CA ALA A 713 32.39 4.32 -21.82
C ALA A 713 32.63 5.57 -22.64
N PRO A 714 33.02 6.66 -21.96
CA PRO A 714 32.19 7.88 -21.92
C PRO A 714 31.73 8.40 -23.28
N ALA A 715 30.51 8.06 -23.71
CA ALA A 715 29.91 8.55 -24.96
C ALA A 715 29.35 9.97 -24.73
N ALA A 716 29.21 10.76 -25.80
CA ALA A 716 28.73 12.16 -25.79
C ALA A 716 27.21 12.16 -25.90
N PRO A 717 26.47 12.79 -24.93
CA PRO A 717 25.00 12.86 -25.00
C PRO A 717 24.48 13.45 -26.32
N SER A 718 23.55 12.76 -27.01
CA SER A 718 23.11 13.03 -28.41
C SER A 718 22.04 14.13 -28.45
N ARG A 719 20.90 13.94 -27.75
CA ARG A 719 19.86 15.00 -27.59
C ARG A 719 19.73 15.38 -26.11
N ILE A 720 19.07 16.50 -25.87
CA ILE A 720 18.80 17.06 -24.51
C ILE A 720 17.33 17.52 -24.47
N GLU A 721 16.66 17.27 -23.33
CA GLU A 721 15.21 17.56 -23.11
C GLU A 721 15.07 18.62 -22.02
N LEU A 722 14.33 19.71 -22.32
CA LEU A 722 14.17 20.92 -21.45
C LEU A 722 12.68 21.17 -21.11
N THR A 723 12.31 21.04 -19.82
CA THR A 723 10.96 21.31 -19.24
C THR A 723 11.03 22.50 -18.29
N PRO A 724 10.58 23.71 -18.71
CA PRO A 724 10.40 24.83 -17.79
C PRO A 724 9.44 24.60 -16.60
N GLY A 725 9.51 25.52 -15.65
CA GLY A 725 8.68 25.56 -14.44
C GLY A 725 8.93 26.84 -13.64
N TYR A 726 7.98 27.22 -12.80
CA TYR A 726 8.11 28.29 -11.78
C TYR A 726 9.49 28.18 -11.10
N PHE A 727 10.41 29.11 -11.43
CA PHE A 727 11.75 29.28 -10.81
C PHE A 727 12.60 28.00 -11.00
N GLN A 728 12.34 27.20 -12.03
CA GLN A 728 13.05 25.91 -12.31
C GLN A 728 12.97 25.54 -13.79
N ILE A 729 13.92 24.70 -14.28
CA ILE A 729 14.04 24.27 -15.71
C ILE A 729 14.79 22.94 -15.80
N THR A 730 14.13 21.92 -16.37
CA THR A 730 14.65 20.54 -16.40
C THR A 730 15.55 20.39 -17.61
N ALA A 731 16.80 19.98 -17.41
CA ALA A 731 17.71 19.43 -18.45
C ALA A 731 17.90 17.93 -18.20
N THR A 732 17.64 17.12 -19.21
CA THR A 732 17.78 15.66 -19.10
C THR A 732 18.56 15.18 -20.30
N PRO A 733 19.45 14.18 -20.13
CA PRO A 733 20.22 13.62 -21.24
C PRO A 733 19.46 12.63 -22.13
N HIS A 734 19.97 12.42 -23.33
CA HIS A 734 19.54 11.32 -24.23
C HIS A 734 20.75 10.86 -25.03
N LEU A 735 21.29 9.68 -24.68
CA LEU A 735 22.54 9.11 -25.26
C LEU A 735 22.18 8.35 -26.55
N ALA A 736 23.01 8.50 -27.60
CA ALA A 736 22.74 8.04 -28.99
C ALA A 736 22.43 6.54 -29.00
N VAL A 737 23.11 5.78 -28.12
CA VAL A 737 22.77 4.37 -27.71
C VAL A 737 22.72 4.33 -26.17
N TYR A 738 21.72 3.62 -25.65
CA TYR A 738 21.53 3.40 -24.20
C TYR A 738 22.77 2.69 -23.61
N ASP A 739 23.05 2.99 -22.35
CA ASP A 739 24.11 2.38 -21.52
C ASP A 739 23.79 2.60 -20.04
N PRO A 740 23.38 1.55 -19.30
CA PRO A 740 22.95 1.73 -17.92
C PRO A 740 24.05 1.69 -16.84
N THR A 741 25.32 1.93 -17.23
CA THR A 741 26.50 1.98 -16.31
C THR A 741 26.97 3.41 -16.11
N VAL A 742 26.15 4.41 -16.48
CA VAL A 742 26.57 5.84 -16.58
C VAL A 742 25.63 6.72 -15.71
N GLN A 743 26.19 7.80 -15.12
CA GLN A 743 25.52 9.00 -14.52
C GLN A 743 26.01 10.25 -15.27
N PHE A 744 25.62 11.46 -14.88
CA PHE A 744 26.02 12.67 -15.65
C PHE A 744 26.44 13.82 -14.73
N GLU A 745 27.49 14.55 -15.15
CA GLU A 745 27.86 15.87 -14.57
C GLU A 745 27.10 16.97 -15.31
N PHE A 746 26.42 17.81 -14.55
CA PHE A 746 25.68 18.99 -15.02
C PHE A 746 26.44 20.25 -14.58
N TRP A 747 26.64 21.23 -15.48
CA TRP A 747 27.22 22.57 -15.17
C TRP A 747 26.29 23.64 -15.71
N PHE A 748 26.00 24.65 -14.89
CA PHE A 748 25.05 25.74 -15.18
C PHE A 748 25.82 27.04 -15.44
N SER A 749 25.42 27.78 -16.48
CA SER A 749 26.01 29.09 -16.89
C SER A 749 24.90 30.10 -17.20
N GLU A 750 25.07 31.35 -16.72
CA GLU A 750 24.15 32.49 -16.93
C GLU A 750 24.63 33.30 -18.15
N LYS A 751 25.93 33.21 -18.45
CA LYS A 751 26.60 33.81 -19.63
C LYS A 751 27.20 32.69 -20.49
N GLN A 752 27.05 32.80 -21.82
CA GLN A 752 27.52 31.82 -22.83
C GLN A 752 29.04 31.65 -22.69
N ILE A 753 29.53 30.40 -22.62
CA ILE A 753 30.98 30.05 -22.57
C ILE A 753 31.32 29.36 -23.90
N ALA A 754 32.14 30.01 -24.73
CA ALA A 754 32.48 29.57 -26.11
C ALA A 754 33.42 28.35 -26.08
N ASP A 755 34.50 28.41 -25.30
CA ASP A 755 35.54 27.35 -25.21
C ASP A 755 35.22 26.38 -24.06
N ILE A 756 35.42 25.08 -24.31
CA ILE A 756 35.05 23.96 -23.39
C ILE A 756 36.03 23.89 -22.20
N ARG A 757 37.21 24.50 -22.31
CA ARG A 757 38.32 24.40 -21.31
C ARG A 757 37.89 25.05 -19.97
N GLN A 758 37.20 26.20 -20.01
CA GLN A 758 36.80 26.96 -18.80
C GLN A 758 35.36 26.63 -18.40
N VAL A 759 34.71 25.73 -19.14
CA VAL A 759 33.36 25.19 -18.82
C VAL A 759 33.41 24.53 -17.42
N GLU A 760 34.50 23.84 -17.10
CA GLU A 760 34.69 23.14 -15.79
C GLU A 760 35.20 24.12 -14.73
N THR A 761 35.62 25.33 -15.11
CA THR A 761 36.40 26.27 -14.25
C THR A 761 35.62 27.56 -13.97
N SER A 762 34.94 28.13 -14.98
CA SER A 762 34.33 29.49 -14.97
C SER A 762 32.80 29.41 -15.12
N THR A 763 32.16 28.55 -14.33
CA THR A 763 30.68 28.30 -14.31
C THR A 763 30.26 27.75 -12.94
N ARG A 764 29.00 27.29 -12.82
CA ARG A 764 28.44 26.66 -11.59
C ARG A 764 28.42 25.13 -11.74
N TYR A 765 29.04 24.44 -10.77
CA TYR A 765 29.04 22.96 -10.61
C TYR A 765 27.65 22.52 -10.14
N LEU A 766 26.74 22.26 -11.10
CA LEU A 766 25.34 21.85 -10.81
C LEU A 766 25.37 20.59 -9.95
N GLY A 767 26.11 19.58 -10.42
CA GLY A 767 26.38 18.33 -9.70
C GLY A 767 26.57 17.15 -10.63
N THR A 768 26.26 15.95 -10.15
CA THR A 768 26.39 14.67 -10.90
C THR A 768 25.22 13.78 -10.51
N ALA A 769 24.40 13.42 -11.48
CA ALA A 769 23.19 12.59 -11.29
C ALA A 769 22.58 12.36 -12.66
N LEU A 770 21.27 12.11 -12.70
CA LEU A 770 20.59 11.37 -13.79
C LEU A 770 19.72 12.35 -14.60
N TYR A 771 18.81 13.03 -13.89
CA TYR A 771 17.83 13.99 -14.44
C TYR A 771 17.97 15.25 -13.59
N TRP A 772 18.50 16.34 -14.13
CA TRP A 772 18.78 17.53 -13.30
C TRP A 772 17.86 18.69 -13.69
N ILE A 773 17.14 19.23 -12.72
CA ILE A 773 16.27 20.43 -12.87
C ILE A 773 17.04 21.62 -12.30
N ALA A 774 17.04 22.77 -12.97
CA ALA A 774 17.65 23.98 -12.40
C ALA A 774 16.61 24.75 -11.59
N ALA A 775 16.80 24.85 -10.25
CA ALA A 775 15.94 25.54 -9.25
C ALA A 775 16.73 25.86 -7.97
N SER A 776 17.02 27.14 -7.72
CA SER A 776 17.85 27.65 -6.60
C SER A 776 17.69 29.18 -6.50
N ILE A 777 18.48 29.82 -5.62
CA ILE A 777 18.42 31.29 -5.32
C ILE A 777 18.89 32.07 -6.57
N ASN A 778 20.00 31.68 -7.22
CA ASN A 778 20.63 32.36 -8.40
C ASN A 778 19.74 32.32 -9.66
N ILE A 779 18.74 31.44 -9.67
CA ILE A 779 17.81 31.21 -10.82
C ILE A 779 16.58 32.09 -10.63
N LYS A 780 16.34 32.93 -11.64
CA LYS A 780 15.16 33.82 -11.72
C LYS A 780 14.53 33.71 -13.12
N PRO A 781 13.21 33.94 -13.21
CA PRO A 781 12.49 34.00 -14.49
C PRO A 781 13.08 35.00 -15.49
N GLY A 782 12.92 34.75 -16.81
CA GLY A 782 13.11 35.76 -17.88
C GLY A 782 14.54 35.91 -18.41
N HIS A 783 15.54 35.27 -17.78
CA HIS A 783 16.94 35.19 -18.28
C HIS A 783 17.15 33.84 -18.95
N ASP A 784 17.81 33.83 -20.12
CA ASP A 784 18.18 32.58 -20.85
C ASP A 784 19.44 31.98 -20.21
N TYR A 785 19.26 30.91 -19.41
CA TYR A 785 20.35 30.11 -18.77
C TYR A 785 20.86 29.06 -19.76
N TYR A 786 22.07 28.53 -19.50
CA TYR A 786 22.71 27.47 -20.32
C TYR A 786 23.09 26.30 -19.42
N PHE A 787 23.09 25.11 -20.02
CA PHE A 787 23.53 23.84 -19.43
C PHE A 787 24.71 23.31 -20.25
N TYR A 788 25.80 22.93 -19.57
CA TYR A 788 26.94 22.12 -20.11
C TYR A 788 27.01 20.80 -19.32
N ILE A 789 26.67 19.66 -19.93
CA ILE A 789 26.67 18.34 -19.22
C ILE A 789 27.56 17.37 -19.99
N ARG A 790 27.97 16.31 -19.28
CA ARG A 790 28.89 15.24 -19.75
C ARG A 790 28.54 13.95 -19.01
N SER A 791 29.02 12.82 -19.54
CA SER A 791 28.77 11.45 -19.01
C SER A 791 29.90 11.06 -18.01
N VAL A 792 29.57 10.66 -16.77
CA VAL A 792 30.57 10.29 -15.72
C VAL A 792 30.31 8.85 -15.25
N ASN A 793 31.38 8.06 -15.08
CA ASN A 793 31.29 6.64 -14.61
C ASN A 793 32.60 6.29 -13.91
N THR A 794 32.84 4.99 -13.73
CA THR A 794 34.09 4.42 -13.17
C THR A 794 35.24 4.55 -14.18
N VAL A 795 34.93 4.64 -15.48
CA VAL A 795 35.95 4.74 -16.57
C VAL A 795 36.46 6.19 -16.62
N GLY A 796 35.56 7.14 -16.92
CA GLY A 796 35.88 8.57 -17.03
C GLY A 796 34.83 9.32 -17.85
N LYS A 797 35.06 10.61 -18.08
CA LYS A 797 34.04 11.58 -18.56
C LYS A 797 34.30 11.94 -20.04
N SER A 798 33.33 12.56 -20.73
CA SER A 798 33.30 12.73 -22.21
C SER A 798 33.42 14.21 -22.62
N ALA A 799 33.41 14.47 -23.93
CA ALA A 799 33.29 15.80 -24.58
C ALA A 799 31.96 16.44 -24.15
N PHE A 800 31.98 17.69 -23.65
CA PHE A 800 30.80 18.39 -23.08
C PHE A 800 29.80 18.73 -24.17
N VAL A 801 28.52 18.81 -23.79
CA VAL A 801 27.43 19.25 -24.71
C VAL A 801 26.58 20.30 -24.01
N GLU A 802 25.95 21.17 -24.81
CA GLU A 802 25.30 22.42 -24.38
C GLU A 802 23.79 22.35 -24.66
N ALA A 803 23.07 23.30 -24.08
CA ALA A 803 21.65 23.60 -24.35
C ALA A 803 21.34 25.03 -23.88
N VAL A 804 20.32 25.64 -24.50
CA VAL A 804 19.82 27.02 -24.24
C VAL A 804 18.38 26.95 -23.70
N GLY A 805 18.14 27.35 -22.42
CA GLY A 805 16.91 27.03 -21.67
C GLY A 805 16.42 28.15 -20.75
N ARG A 806 15.11 28.17 -20.45
CA ARG A 806 14.42 29.29 -19.74
C ARG A 806 13.45 28.72 -18.69
N ALA A 807 13.40 29.30 -17.48
CA ALA A 807 12.44 28.94 -16.40
C ALA A 807 11.03 29.40 -16.82
N SER A 808 9.96 28.85 -16.22
CA SER A 808 8.55 29.12 -16.62
C SER A 808 8.00 30.36 -15.90
N ASP A 809 8.86 31.24 -15.41
CA ASP A 809 8.44 32.56 -14.87
C ASP A 809 7.55 32.32 -13.65
N ASP A 810 6.21 32.21 -13.82
CA ASP A 810 5.24 31.83 -12.76
C ASP A 810 4.01 31.16 -13.40
N ALA A 811 3.83 29.85 -13.21
CA ALA A 811 2.66 29.08 -13.69
C ALA A 811 1.81 28.60 -12.50
N GLU A 812 2.39 28.63 -11.29
CA GLU A 812 1.74 28.59 -9.95
C GLU A 812 1.55 27.15 -9.44
N GLY A 813 1.14 26.17 -10.26
CA GLY A 813 0.64 24.88 -9.73
C GLY A 813 -0.36 25.12 -8.60
N TYR A 814 0.04 24.91 -7.32
CA TYR A 814 -0.57 25.47 -6.07
C TYR A 814 0.44 25.48 -4.90
N LEU A 815 1.57 24.84 -5.15
CA LEU A 815 2.70 24.83 -4.21
C LEU A 815 3.87 25.48 -4.92
N ASP A 816 3.87 25.61 -6.25
CA ASP A 816 4.96 26.36 -6.92
C ASP A 816 5.12 27.71 -6.24
N PHE A 817 4.03 28.36 -5.83
CA PHE A 817 4.09 29.57 -4.95
C PHE A 817 4.84 29.28 -3.63
N PHE A 818 4.60 28.15 -2.94
CA PHE A 818 5.28 27.73 -1.65
C PHE A 818 6.77 27.37 -1.82
N LYS A 819 7.15 26.62 -2.87
CA LYS A 819 8.57 26.48 -3.30
C LYS A 819 9.20 27.88 -3.42
N GLY A 820 8.63 28.76 -4.26
CA GLY A 820 9.10 30.13 -4.53
C GLY A 820 9.31 30.89 -3.25
N LYS A 821 8.29 30.88 -2.37
CA LYS A 821 8.30 31.45 -1.00
C LYS A 821 9.50 30.85 -0.21
N ILE A 822 9.66 29.53 -0.30
CA ILE A 822 10.71 28.76 0.43
C ILE A 822 12.10 29.14 -0.07
N THR A 823 12.31 29.13 -1.38
CA THR A 823 13.67 29.34 -1.96
C THR A 823 14.15 30.71 -1.51
N GLU A 824 13.26 31.69 -1.58
CA GLU A 824 13.56 33.12 -1.32
C GLU A 824 13.35 33.38 0.16
N SER A 825 14.10 32.68 1.02
CA SER A 825 14.06 32.75 2.51
C SER A 825 15.43 32.33 3.07
N HIS A 826 15.64 32.51 4.39
CA HIS A 826 16.93 32.22 5.10
C HIS A 826 17.09 30.72 5.35
N LEU A 827 16.01 29.99 5.66
CA LEU A 827 16.02 28.49 5.76
C LEU A 827 16.49 27.90 4.43
N GLY A 828 15.88 28.35 3.31
CA GLY A 828 16.24 27.98 1.92
C GLY A 828 17.73 28.14 1.68
N LYS A 829 18.28 29.31 2.05
CA LYS A 829 19.73 29.67 1.90
C LYS A 829 20.59 28.75 2.79
N GLU A 830 20.12 28.36 3.98
CA GLU A 830 20.89 27.52 4.94
C GLU A 830 20.78 26.05 4.50
N LEU A 831 19.57 25.47 4.61
CA LEU A 831 19.24 24.05 4.26
C LEU A 831 19.01 23.91 2.74
N LEU A 832 19.88 24.57 1.96
CA LEU A 832 20.21 24.26 0.54
C LEU A 832 21.14 25.36 -0.01
N GLU A 833 21.93 25.04 -1.04
CA GLU A 833 22.82 25.95 -1.82
C GLU A 833 23.96 26.48 -0.95
N LYS A 834 24.09 25.98 0.30
CA LYS A 834 25.37 25.92 1.07
C LYS A 834 26.01 24.56 0.77
N VAL A 835 27.00 24.50 -0.13
CA VAL A 835 27.53 23.23 -0.70
C VAL A 835 28.93 23.00 -0.13
N GLU A 836 29.14 23.41 1.13
CA GLU A 836 30.45 23.37 1.82
C GLU A 836 30.80 21.89 2.10
N LEU A 837 32.01 21.58 2.57
CA LEU A 837 32.47 20.19 2.83
C LEU A 837 32.36 19.37 1.51
N THR A 838 33.30 19.57 0.57
CA THR A 838 33.35 18.88 -0.76
C THR A 838 34.61 17.99 -0.87
N GLU A 839 34.67 16.91 -0.06
CA GLU A 839 35.75 15.89 -0.04
C GLU A 839 35.14 14.51 -0.35
N ASP A 840 35.35 14.01 -1.58
CA ASP A 840 34.68 12.77 -2.09
C ASP A 840 34.74 11.68 -0.99
N ASN A 841 33.57 11.13 -0.63
CA ASN A 841 33.39 10.07 0.39
C ASN A 841 33.83 10.59 1.76
N ALA A 842 33.27 11.75 2.17
CA ALA A 842 33.35 12.37 3.52
C ALA A 842 32.03 13.12 3.75
N SER A 843 31.80 13.74 4.93
CA SER A 843 30.46 14.21 5.36
C SER A 843 30.55 15.22 6.51
N ARG A 844 29.40 15.74 6.97
CA ARG A 844 29.34 16.81 8.01
C ARG A 844 27.95 16.92 8.67
N LEU A 845 27.95 17.16 9.98
CA LEU A 845 26.76 17.38 10.82
C LEU A 845 26.90 18.75 11.51
N GLU A 846 25.77 19.46 11.73
CA GLU A 846 25.66 20.65 12.65
C GLU A 846 24.25 20.76 13.21
N GLU A 847 24.12 20.91 14.54
CA GLU A 847 22.88 21.34 15.25
C GLU A 847 23.16 22.65 16.01
N PHE A 848 22.62 23.76 15.49
CA PHE A 848 22.90 25.16 15.94
C PHE A 848 21.61 25.98 15.88
N SER A 849 21.69 27.17 16.46
CA SER A 849 20.65 28.23 16.46
C SER A 849 21.32 29.61 16.34
N LYS A 850 21.45 30.13 15.11
CA LYS A 850 22.05 31.45 14.81
C LYS A 850 20.94 32.50 14.69
N GLU A 851 20.84 33.36 15.69
CA GLU A 851 19.95 34.52 15.76
C GLU A 851 20.79 35.74 15.33
N TRP A 852 20.31 36.54 14.39
CA TRP A 852 21.03 37.76 13.96
C TRP A 852 20.02 38.87 13.63
N LYS A 853 20.43 40.14 13.75
CA LYS A 853 19.64 41.35 13.38
C LYS A 853 19.95 41.74 11.92
N ASP A 854 18.91 41.94 11.11
CA ASP A 854 18.99 42.00 9.63
C ASP A 854 19.41 43.41 9.17
N ALA A 855 19.50 43.58 7.84
CA ALA A 855 19.82 44.81 7.06
C ALA A 855 18.89 45.94 7.50
N SER A 856 17.58 45.67 7.50
CA SER A 856 16.49 46.65 7.73
C SER A 856 16.26 46.90 9.24
N ASP A 857 17.25 46.64 10.11
CA ASP A 857 17.20 46.91 11.56
C ASP A 857 16.07 46.13 12.23
N LYS A 858 16.11 44.80 12.11
CA LYS A 858 15.15 43.86 12.75
C LYS A 858 15.82 42.50 12.98
N TRP A 859 15.31 41.72 13.93
CA TRP A 859 15.83 40.38 14.31
C TRP A 859 15.52 39.34 13.22
N ASN A 860 16.36 38.31 13.12
CA ASN A 860 16.13 37.08 12.30
C ASN A 860 16.59 35.86 13.11
N ALA A 861 15.62 35.21 13.75
CA ALA A 861 15.76 33.93 14.48
C ALA A 861 15.70 32.78 13.47
N MET A 862 15.99 31.57 13.92
CA MET A 862 16.32 30.40 13.06
C MET A 862 16.85 29.30 13.98
N TRP A 863 16.52 28.04 13.69
CA TRP A 863 17.21 26.85 14.28
C TRP A 863 17.08 25.66 13.31
N ALA A 864 18.19 25.00 13.00
CA ALA A 864 18.21 23.93 11.97
C ALA A 864 19.11 22.79 12.43
N VAL A 865 18.80 21.59 11.92
CA VAL A 865 19.73 20.43 11.99
C VAL A 865 20.14 19.97 10.58
N LYS A 866 21.36 20.32 10.16
CA LYS A 866 21.79 20.08 8.77
C LYS A 866 22.90 19.02 8.74
N ILE A 867 22.69 18.04 7.86
CA ILE A 867 23.65 16.96 7.50
C ILE A 867 23.95 17.07 6.02
N GLU A 868 25.22 17.03 5.67
CA GLU A 868 25.67 16.92 4.25
C GLU A 868 26.71 15.80 4.15
N GLN A 869 26.86 15.27 2.94
CA GLN A 869 27.89 14.28 2.59
C GLN A 869 28.28 14.49 1.12
N THR A 870 29.43 13.96 0.69
CA THR A 870 29.91 13.94 -0.72
C THR A 870 30.36 12.51 -1.07
N LYS A 871 29.88 11.94 -2.18
CA LYS A 871 30.21 10.54 -2.59
C LYS A 871 30.14 10.44 -4.10
N ASP A 872 31.14 9.81 -4.72
CA ASP A 872 31.17 9.60 -6.19
C ASP A 872 30.96 10.96 -6.88
N GLY A 873 31.56 12.03 -6.34
CA GLY A 873 31.62 13.37 -6.95
C GLY A 873 30.36 14.18 -6.75
N LYS A 874 29.32 13.58 -6.13
CA LYS A 874 27.95 14.17 -6.04
C LYS A 874 27.63 14.55 -4.59
N HIS A 875 26.81 15.60 -4.42
CA HIS A 875 26.60 16.33 -3.14
C HIS A 875 25.24 15.96 -2.53
N TYR A 876 25.24 15.57 -1.24
CA TYR A 876 24.11 14.92 -0.51
C TYR A 876 23.89 15.58 0.82
N VAL A 877 22.63 15.71 1.23
CA VAL A 877 22.23 16.66 2.29
C VAL A 877 20.79 16.40 2.64
N ALA A 878 20.43 16.91 3.80
CA ALA A 878 19.03 17.03 4.25
C ALA A 878 19.02 17.84 5.52
N GLY A 879 17.81 18.08 6.00
CA GLY A 879 17.58 18.30 7.42
C GLY A 879 16.23 18.92 7.64
N ILE A 880 16.18 19.64 8.78
CA ILE A 880 15.00 20.23 9.48
C ILE A 880 15.32 21.68 9.93
N GLY A 881 14.45 22.64 9.53
CA GLY A 881 14.36 24.06 10.01
C GLY A 881 13.03 24.48 10.64
N LEU A 882 13.09 25.37 11.64
CA LEU A 882 11.97 26.15 12.26
C LEU A 882 12.51 27.59 12.32
N SER A 883 11.78 28.55 11.77
CA SER A 883 12.26 29.95 11.65
C SER A 883 11.07 30.87 11.44
N MET A 884 11.16 32.12 11.89
CA MET A 884 10.36 33.25 11.33
C MET A 884 11.32 34.34 10.82
N GLU A 885 11.10 34.77 9.60
CA GLU A 885 11.88 35.88 8.99
C GLU A 885 11.12 37.19 9.25
N ASP A 886 11.47 38.25 8.52
CA ASP A 886 10.79 39.58 8.54
C ASP A 886 10.13 39.78 7.18
N THR A 887 8.81 39.97 7.15
CA THR A 887 8.01 40.38 5.96
C THR A 887 7.43 41.76 6.25
N GLU A 888 6.55 42.26 5.38
CA GLU A 888 6.07 43.65 5.52
C GLU A 888 5.33 43.78 6.85
N GLU A 889 4.43 42.85 7.17
CA GLU A 889 3.62 42.85 8.41
C GLU A 889 4.50 42.66 9.66
N GLY A 890 5.61 41.91 9.57
CA GLY A 890 6.51 41.58 10.70
C GLY A 890 7.13 40.19 10.61
N LYS A 891 6.82 39.26 11.55
CA LYS A 891 7.39 37.88 11.64
C LYS A 891 6.41 36.83 11.12
N LEU A 892 6.95 35.75 10.53
CA LEU A 892 6.25 34.63 9.80
C LEU A 892 7.00 33.31 10.10
N SER A 893 6.57 32.49 11.09
CA SER A 893 7.24 31.23 11.57
C SER A 893 7.10 30.07 10.56
N GLN A 894 7.64 28.88 10.85
CA GLN A 894 8.01 27.86 9.82
C GLN A 894 8.32 26.52 10.46
N PHE A 895 8.51 25.49 9.61
CA PHE A 895 9.21 24.18 9.83
C PHE A 895 9.42 23.56 8.46
N LEU A 896 10.61 23.67 7.92
CA LEU A 896 10.80 23.10 6.60
C LEU A 896 11.80 21.98 6.80
N VAL A 897 11.37 20.76 6.38
CA VAL A 897 12.15 19.49 6.22
C VAL A 897 12.39 19.30 4.70
N ALA A 898 13.62 19.00 4.25
CA ALA A 898 13.90 18.37 2.92
C ALA A 898 14.69 17.10 3.14
N ALA A 899 14.36 16.06 2.37
CA ALA A 899 14.88 14.67 2.50
C ALA A 899 14.24 13.74 1.42
N ASN A 900 14.55 12.42 1.42
CA ASN A 900 14.10 11.49 0.35
C ASN A 900 12.89 10.69 0.84
N ARG A 901 12.86 10.35 2.14
CA ARG A 901 11.67 9.75 2.79
C ARG A 901 11.46 10.45 4.12
N ILE A 902 10.27 10.97 4.32
CA ILE A 902 9.80 11.23 5.70
C ILE A 902 8.77 10.13 6.07
N ALA A 903 8.37 10.05 7.32
CA ALA A 903 7.69 8.87 7.82
C ALA A 903 7.30 9.16 9.29
N PHE A 904 6.01 8.99 9.59
CA PHE A 904 5.38 9.24 10.93
C PHE A 904 5.05 7.88 11.53
N ILE A 905 5.33 7.62 12.81
CA ILE A 905 5.07 6.31 13.48
C ILE A 905 4.26 6.50 14.76
N ASP A 906 3.45 5.51 15.12
CA ASP A 906 2.85 5.52 16.47
C ASP A 906 3.30 4.23 17.11
N PRO A 907 4.15 4.35 18.15
CA PRO A 907 4.53 3.21 19.00
C PRO A 907 3.67 2.84 20.22
N ALA A 908 2.33 2.98 20.19
CA ALA A 908 1.51 2.40 21.28
C ALA A 908 1.52 0.88 21.06
N ASN A 909 1.61 0.11 22.17
CA ASN A 909 1.68 -1.38 22.21
C ASN A 909 2.96 -1.92 21.55
N GLY A 910 3.88 -1.04 21.12
CA GLY A 910 5.04 -1.39 20.26
C GLY A 910 4.66 -1.64 18.80
N ASN A 911 3.43 -1.35 18.38
CA ASN A 911 3.08 -1.20 16.94
C ASN A 911 4.19 -0.36 16.29
N GLU A 912 4.56 -0.64 15.04
CA GLU A 912 5.69 0.02 14.34
C GLU A 912 5.33 0.58 12.96
N THR A 913 4.10 0.35 12.52
CA THR A 913 3.67 0.72 11.17
C THR A 913 3.44 2.23 11.13
N PRO A 914 4.00 2.97 10.14
CA PRO A 914 3.82 4.42 10.08
C PRO A 914 2.30 4.66 10.05
N MET A 915 1.84 5.92 9.93
CA MET A 915 0.48 6.28 9.41
C MET A 915 0.67 7.16 8.19
N PHE A 916 1.85 7.77 8.04
CA PHE A 916 2.11 8.86 7.07
C PHE A 916 3.56 8.78 6.55
N VAL A 917 3.68 8.38 5.27
CA VAL A 917 5.01 8.21 4.56
C VAL A 917 4.90 8.86 3.18
N ALA A 918 5.87 9.73 2.98
CA ALA A 918 6.09 10.64 1.85
C ALA A 918 7.51 10.36 1.43
N GLN A 919 7.62 10.09 0.14
CA GLN A 919 8.91 10.05 -0.56
C GLN A 919 8.60 10.48 -1.97
N GLY A 920 9.55 11.15 -2.62
CA GLY A 920 9.43 11.63 -4.01
C GLY A 920 8.06 12.26 -4.29
N ASN A 921 7.65 13.25 -3.47
CA ASN A 921 6.48 14.13 -3.72
C ASN A 921 5.23 13.24 -3.81
N GLN A 922 5.08 12.27 -2.89
CA GLN A 922 3.90 11.37 -2.87
C GLN A 922 3.57 11.05 -1.45
N ILE A 923 2.33 10.77 -1.22
CA ILE A 923 2.01 10.34 0.16
C ILE A 923 1.45 8.90 0.16
N PHE A 924 1.75 8.17 1.26
CA PHE A 924 0.93 7.06 1.86
C PHE A 924 0.41 7.44 3.29
N MET A 925 -0.83 6.95 3.57
CA MET A 925 -1.70 7.29 4.73
C MET A 925 -2.68 6.16 4.95
N ASN A 926 -2.91 5.72 6.19
CA ASN A 926 -3.83 4.58 6.47
C ASN A 926 -5.22 5.15 6.32
N ASP A 927 -6.05 5.10 7.35
CA ASP A 927 -7.32 5.87 7.37
C ASP A 927 -6.96 7.38 7.50
N VAL A 928 -7.75 8.28 6.86
CA VAL A 928 -7.72 9.79 6.98
C VAL A 928 -9.13 10.43 7.02
N PHE A 929 -9.27 11.61 7.63
CA PHE A 929 -10.52 12.42 7.59
C PHE A 929 -10.23 13.90 7.39
N LEU A 930 -11.25 14.63 6.93
CA LEU A 930 -11.13 15.78 5.98
C LEU A 930 -12.40 16.65 6.00
N LYS A 931 -12.24 17.93 5.62
CA LYS A 931 -13.37 18.90 5.69
C LYS A 931 -13.81 19.23 4.28
N ARG A 932 -13.02 18.87 3.32
CA ARG A 932 -13.46 19.00 1.93
C ARG A 932 -12.20 18.71 1.10
N LEU A 933 -12.25 17.73 0.21
CA LEU A 933 -11.19 17.51 -0.80
C LEU A 933 -11.35 18.54 -1.90
N THR A 934 -10.24 18.91 -2.53
CA THR A 934 -10.21 19.97 -3.56
C THR A 934 -9.29 19.48 -4.68
N ALA A 935 -9.80 18.81 -5.70
CA ALA A 935 -8.99 17.76 -6.37
C ALA A 935 -9.29 17.62 -7.84
N PRO A 936 -8.36 18.02 -8.69
CA PRO A 936 -8.64 17.94 -10.11
C PRO A 936 -8.72 16.51 -10.70
N THR A 937 -8.66 15.43 -9.90
CA THR A 937 -8.81 14.01 -10.37
C THR A 937 -8.87 13.04 -9.18
N ILE A 938 -9.59 11.92 -9.29
CA ILE A 938 -9.62 10.82 -8.27
C ILE A 938 -9.66 9.49 -9.03
N THR A 939 -9.26 8.41 -8.33
CA THR A 939 -9.49 6.98 -8.73
C THR A 939 -9.89 6.12 -7.52
N SER A 940 -9.78 4.81 -7.65
CA SER A 940 -9.85 3.90 -6.49
C SER A 940 -8.53 3.15 -6.52
N GLY A 941 -7.74 3.39 -7.57
CA GLY A 941 -6.63 2.55 -8.07
C GLY A 941 -7.10 1.29 -8.77
N GLY A 942 -6.42 0.92 -9.86
CA GLY A 942 -6.56 -0.39 -10.54
C GLY A 942 -6.33 -0.25 -12.02
N ASN A 943 -5.75 -1.26 -12.68
CA ASN A 943 -5.51 -1.24 -14.16
C ASN A 943 -6.84 -0.92 -14.83
N PRO A 944 -7.94 -1.57 -14.38
CA PRO A 944 -9.28 -0.99 -14.47
C PRO A 944 -9.82 -0.42 -13.15
N PRO A 945 -9.77 0.91 -12.92
CA PRO A 945 -10.14 1.42 -11.60
C PRO A 945 -11.66 1.28 -11.36
N ALA A 946 -12.00 0.47 -10.37
CA ALA A 946 -13.37 0.27 -9.81
C ALA A 946 -14.32 1.48 -9.92
N PHE A 947 -13.85 2.74 -9.84
CA PHE A 947 -14.62 4.01 -10.08
C PHE A 947 -13.60 5.13 -10.32
N SER A 948 -13.99 6.33 -10.80
CA SER A 948 -13.02 7.42 -11.15
C SER A 948 -13.63 8.67 -11.82
N LEU A 949 -13.40 9.83 -11.19
CA LEU A 949 -13.77 11.15 -11.74
C LEU A 949 -12.54 11.72 -12.42
N THR A 950 -12.78 12.31 -13.57
CA THR A 950 -11.74 12.84 -14.46
C THR A 950 -11.74 14.34 -14.22
N PRO A 951 -10.60 15.03 -14.36
CA PRO A 951 -10.57 16.49 -14.25
C PRO A 951 -11.60 17.20 -15.14
N ASP A 952 -11.86 16.61 -16.32
CA ASP A 952 -12.72 17.13 -17.42
C ASP A 952 -14.18 16.66 -17.23
N GLY A 953 -14.53 16.23 -16.03
CA GLY A 953 -15.93 16.23 -15.55
C GLY A 953 -16.65 14.90 -15.68
N LYS A 954 -16.15 14.04 -16.58
CA LYS A 954 -16.56 12.62 -16.76
C LYS A 954 -16.47 11.83 -15.43
N LEU A 955 -17.50 11.06 -15.10
CA LEU A 955 -17.48 10.06 -14.01
C LEU A 955 -17.49 8.68 -14.65
N THR A 956 -16.91 7.65 -13.99
CA THR A 956 -16.76 6.23 -14.45
C THR A 956 -17.08 5.27 -13.31
N ALA A 957 -18.08 4.38 -13.40
CA ALA A 957 -18.55 3.56 -12.25
C ALA A 957 -19.11 2.22 -12.74
N LYS A 958 -19.09 1.20 -11.88
CA LYS A 958 -19.63 -0.15 -12.20
C LYS A 958 -21.09 -0.25 -11.76
N ASN A 959 -21.73 0.87 -11.50
CA ASN A 959 -22.97 0.90 -10.69
C ASN A 959 -23.15 2.32 -10.16
N ALA A 960 -24.40 2.74 -9.90
CA ALA A 960 -24.75 3.92 -9.07
C ALA A 960 -26.25 3.88 -8.74
N ASP A 961 -26.59 3.89 -7.45
CA ASP A 961 -27.98 3.66 -7.01
C ASP A 961 -28.47 4.88 -6.25
N ILE A 962 -29.13 5.81 -6.98
CA ILE A 962 -29.62 7.12 -6.45
C ILE A 962 -31.03 6.91 -5.84
N SER A 963 -31.26 7.45 -4.66
CA SER A 963 -32.52 7.23 -3.90
C SER A 963 -33.50 8.39 -4.17
N GLY A 964 -33.51 8.91 -5.40
CA GLY A 964 -34.19 10.18 -5.74
C GLY A 964 -34.28 10.41 -7.25
N SER A 965 -33.88 11.59 -7.74
CA SER A 965 -34.22 12.11 -9.09
C SER A 965 -32.96 12.39 -9.91
N VAL A 966 -32.95 11.94 -11.17
CA VAL A 966 -31.70 11.86 -12.00
C VAL A 966 -31.76 12.92 -13.07
N ASN A 967 -32.07 14.20 -12.76
CA ASN A 967 -31.91 15.33 -13.71
C ASN A 967 -30.72 15.07 -14.66
N ALA A 968 -30.94 14.78 -15.97
CA ALA A 968 -29.93 14.57 -17.06
C ALA A 968 -30.32 15.33 -18.34
N ASN A 969 -29.41 15.39 -19.31
CA ASN A 969 -29.68 15.92 -20.68
C ASN A 969 -30.17 14.78 -21.56
N SER A 970 -29.61 13.58 -21.46
CA SER A 970 -29.68 12.55 -22.53
C SER A 970 -29.68 11.15 -21.87
N GLY A 971 -29.27 10.12 -22.61
CA GLY A 971 -29.40 8.69 -22.26
C GLY A 971 -28.82 7.79 -23.36
N THR A 972 -28.22 6.67 -22.96
CA THR A 972 -27.45 5.73 -23.82
C THR A 972 -27.67 4.29 -23.31
N LEU A 973 -28.90 3.90 -22.94
CA LEU A 973 -29.20 2.76 -22.02
C LEU A 973 -29.58 1.53 -22.83
N SER A 974 -28.69 0.53 -22.89
CA SER A 974 -28.93 -0.74 -23.62
C SER A 974 -30.26 -1.33 -23.17
N ASN A 975 -30.52 -1.31 -21.87
CA ASN A 975 -31.79 -1.80 -21.27
C ASN A 975 -32.42 -0.71 -20.41
N VAL A 976 -33.77 -0.68 -20.30
CA VAL A 976 -34.53 0.15 -19.33
C VAL A 976 -35.66 -0.71 -18.82
N THR A 977 -36.15 -0.43 -17.60
CA THR A 977 -37.23 -1.20 -16.94
C THR A 977 -38.07 -0.23 -16.08
N ILE A 978 -38.75 0.75 -16.70
CA ILE A 978 -39.54 1.77 -15.96
C ILE A 978 -40.77 1.10 -15.31
N ALA A 979 -40.91 1.28 -13.99
CA ALA A 979 -41.81 0.47 -13.13
C ALA A 979 -43.21 1.09 -13.12
N GLU A 980 -43.34 2.37 -13.52
CA GLU A 980 -44.63 3.11 -13.53
C GLU A 980 -44.67 4.15 -14.65
N ASN A 981 -45.36 5.28 -14.39
CA ASN A 981 -45.69 6.39 -15.34
C ASN A 981 -44.43 6.85 -16.08
N CYS A 982 -44.50 6.95 -17.40
CA CYS A 982 -43.49 7.64 -18.26
C CYS A 982 -44.18 8.67 -19.19
N THR A 983 -44.20 9.94 -18.73
CA THR A 983 -44.56 11.20 -19.45
C THR A 983 -43.56 11.49 -20.58
N ILE A 984 -44.06 11.61 -21.81
CA ILE A 984 -43.29 12.09 -23.00
C ILE A 984 -44.00 13.36 -23.50
N ASN A 985 -43.27 14.44 -23.81
CA ASN A 985 -43.78 15.70 -24.43
C ASN A 985 -43.22 15.88 -25.86
N GLY A 986 -42.50 14.87 -26.37
CA GLY A 986 -41.85 14.85 -27.71
C GLY A 986 -42.38 13.73 -28.58
N THR A 987 -41.48 12.98 -29.23
CA THR A 987 -41.78 11.86 -30.19
C THR A 987 -41.21 10.54 -29.63
N LEU A 988 -41.93 9.45 -29.81
CA LEU A 988 -41.55 8.05 -29.43
C LEU A 988 -41.31 7.27 -30.72
N ARG A 989 -40.33 6.34 -30.74
CA ARG A 989 -39.99 5.46 -31.91
C ARG A 989 -39.68 4.05 -31.41
N ALA A 990 -40.68 3.18 -31.24
CA ALA A 990 -40.51 1.79 -30.73
C ALA A 990 -40.83 0.74 -31.81
N GLU A 991 -39.81 0.01 -32.29
CA GLU A 991 -39.91 -1.05 -33.35
C GLU A 991 -41.11 -1.94 -33.05
N LYS A 992 -40.95 -2.83 -32.06
CA LYS A 992 -41.83 -3.98 -31.81
C LYS A 992 -42.63 -3.64 -30.55
N ILE A 993 -43.93 -3.40 -30.69
CA ILE A 993 -44.81 -2.76 -29.66
C ILE A 993 -45.88 -3.77 -29.24
N VAL A 994 -46.12 -3.91 -27.93
CA VAL A 994 -47.11 -4.87 -27.36
C VAL A 994 -48.17 -4.07 -26.58
N GLY A 995 -49.46 -4.23 -26.93
CA GLY A 995 -50.62 -3.63 -26.24
C GLY A 995 -51.57 -2.93 -27.21
N VAL B 616 14.89 -64.62 -32.45
CA VAL B 616 15.75 -63.73 -31.59
C VAL B 616 15.82 -62.33 -32.25
N THR B 617 15.66 -61.25 -31.46
CA THR B 617 15.50 -59.82 -31.92
C THR B 617 15.93 -58.81 -30.84
N PRO B 618 17.04 -58.05 -31.02
CA PRO B 618 17.44 -57.00 -30.06
C PRO B 618 16.44 -55.83 -29.97
N PRO B 619 16.25 -55.17 -28.79
CA PRO B 619 15.21 -54.14 -28.63
C PRO B 619 15.63 -52.75 -29.14
N ALA B 620 14.66 -51.81 -29.17
CA ALA B 620 14.84 -50.40 -29.62
C ALA B 620 15.73 -49.65 -28.62
N VAL B 621 16.48 -48.65 -29.12
CA VAL B 621 17.27 -47.67 -28.31
C VAL B 621 16.28 -46.84 -27.49
N GLN B 622 16.50 -46.74 -26.16
CA GLN B 622 15.59 -46.06 -25.20
C GLN B 622 16.20 -44.74 -24.72
N HIS B 623 15.36 -43.79 -24.27
CA HIS B 623 15.73 -42.44 -23.79
C HIS B 623 16.49 -41.66 -24.89
N LEU B 624 15.87 -41.38 -26.04
CA LEU B 624 16.54 -40.69 -27.17
C LEU B 624 16.49 -39.19 -26.95
N THR B 625 17.65 -38.57 -26.78
CA THR B 625 17.74 -37.20 -26.24
C THR B 625 18.53 -36.36 -27.21
N ALA B 626 18.00 -35.21 -27.58
CA ALA B 626 18.61 -34.34 -28.60
C ALA B 626 18.81 -32.96 -27.99
N GLU B 627 19.94 -32.34 -28.29
CA GLU B 627 20.20 -30.93 -27.95
C GLU B 627 20.90 -30.31 -29.14
N VAL B 628 20.37 -29.17 -29.59
CA VAL B 628 20.88 -28.41 -30.76
C VAL B 628 21.75 -27.26 -30.26
N THR B 629 22.86 -27.01 -30.94
CA THR B 629 23.79 -25.87 -30.68
C THR B 629 24.43 -25.42 -32.00
N ALA B 630 24.73 -24.12 -32.11
CA ALA B 630 25.45 -23.48 -33.24
C ALA B 630 26.55 -22.54 -32.72
N ASP B 631 26.92 -22.67 -31.44
CA ASP B 631 27.86 -21.76 -30.73
C ASP B 631 29.27 -21.90 -31.34
N SER B 632 29.66 -23.13 -31.69
CA SER B 632 31.02 -23.50 -32.17
C SER B 632 31.32 -22.86 -33.55
N GLY B 633 30.30 -22.37 -34.28
CA GLY B 633 30.49 -21.66 -35.56
C GLY B 633 29.30 -21.81 -36.50
N GLU B 634 28.73 -23.01 -36.57
CA GLU B 634 27.46 -23.29 -37.30
C GLU B 634 26.74 -24.50 -36.70
N TYR B 635 25.54 -24.83 -37.20
CA TYR B 635 24.51 -25.66 -36.53
C TYR B 635 24.87 -27.15 -36.43
N GLN B 636 24.49 -27.77 -35.30
CA GLN B 636 24.82 -29.17 -34.88
C GLN B 636 23.70 -29.73 -33.97
N VAL B 637 23.62 -31.07 -33.85
CA VAL B 637 22.72 -31.84 -32.91
C VAL B 637 23.54 -32.93 -32.19
N LEU B 638 23.55 -32.93 -30.86
CA LEU B 638 24.01 -34.06 -30.00
C LEU B 638 22.84 -35.00 -29.74
N ALA B 639 22.97 -36.24 -30.23
CA ALA B 639 22.08 -37.37 -29.96
C ALA B 639 22.73 -38.28 -28.92
N ARG B 640 22.01 -38.55 -27.84
CA ARG B 640 22.46 -39.44 -26.76
C ARG B 640 21.31 -40.39 -26.44
N TRP B 641 21.63 -41.57 -25.92
CA TRP B 641 20.62 -42.61 -25.60
C TRP B 641 21.23 -43.63 -24.63
N ASP B 642 20.42 -44.60 -24.19
CA ASP B 642 20.84 -45.74 -23.32
C ASP B 642 20.62 -47.04 -24.09
N THR B 643 21.60 -47.95 -24.09
CA THR B 643 21.59 -49.20 -24.89
C THR B 643 20.65 -50.21 -24.22
N PRO B 644 19.78 -50.91 -24.99
CA PRO B 644 19.09 -52.09 -24.49
C PRO B 644 20.00 -53.33 -24.55
N LYS B 645 19.65 -54.40 -23.83
CA LYS B 645 20.46 -55.64 -23.76
C LYS B 645 20.39 -56.35 -25.11
N VAL B 646 21.53 -56.74 -25.68
CA VAL B 646 21.67 -57.26 -27.07
C VAL B 646 22.41 -58.62 -27.04
N VAL B 647 22.72 -59.18 -28.22
CA VAL B 647 23.49 -60.45 -28.40
C VAL B 647 24.72 -60.17 -29.27
N LYS B 648 25.92 -60.38 -28.72
CA LYS B 648 27.24 -60.31 -29.43
C LYS B 648 27.43 -58.92 -30.06
N GLY B 649 27.57 -57.89 -29.21
CA GLY B 649 27.88 -56.49 -29.61
C GLY B 649 26.65 -55.76 -30.10
N VAL B 650 26.76 -54.44 -30.34
CA VAL B 650 25.64 -53.58 -30.84
C VAL B 650 26.20 -52.35 -31.57
N SER B 651 25.49 -51.91 -32.63
CA SER B 651 25.77 -50.71 -33.46
C SER B 651 24.54 -49.79 -33.49
N PHE B 652 24.71 -48.48 -33.36
CA PHE B 652 23.62 -47.47 -33.41
C PHE B 652 23.54 -46.92 -34.82
N LEU B 653 22.41 -47.12 -35.48
CA LEU B 653 22.15 -46.51 -36.82
C LEU B 653 21.33 -45.24 -36.60
N LEU B 654 21.81 -44.11 -37.12
CA LEU B 654 21.12 -42.81 -36.97
C LEU B 654 20.70 -42.33 -38.36
N ARG B 655 19.42 -41.99 -38.54
CA ARG B 655 18.88 -41.41 -39.80
C ARG B 655 18.18 -40.09 -39.48
N LEU B 656 18.79 -38.97 -39.89
CA LEU B 656 18.24 -37.61 -39.68
C LEU B 656 17.61 -37.12 -40.97
N THR B 657 16.33 -36.76 -40.91
CA THR B 657 15.54 -36.15 -42.00
C THR B 657 14.93 -34.83 -41.50
N VAL B 658 14.68 -33.90 -42.42
CA VAL B 658 14.01 -32.59 -42.14
C VAL B 658 12.63 -32.60 -42.81
N THR B 659 11.60 -32.08 -42.12
CA THR B 659 10.22 -31.89 -42.68
C THR B 659 10.34 -30.98 -43.93
N ALA B 660 10.16 -31.54 -45.13
CA ALA B 660 10.19 -30.85 -46.43
C ALA B 660 8.89 -30.04 -46.61
N ASP B 661 8.63 -29.48 -47.80
CA ASP B 661 7.45 -28.62 -48.06
C ASP B 661 6.16 -29.45 -48.15
N ASP B 662 6.27 -30.76 -48.41
CA ASP B 662 5.12 -31.65 -48.72
C ASP B 662 4.51 -32.26 -47.43
N GLY B 663 5.06 -31.97 -46.25
CA GLY B 663 4.58 -32.54 -44.96
C GLY B 663 5.26 -33.86 -44.62
N SER B 664 6.02 -34.43 -45.56
CA SER B 664 6.89 -35.63 -45.39
C SER B 664 8.29 -35.18 -44.94
N GLU B 665 9.25 -36.10 -44.96
CA GLU B 665 10.66 -35.89 -44.52
C GLU B 665 11.60 -36.25 -45.67
N ARG B 666 12.34 -35.27 -46.21
CA ARG B 666 13.46 -35.50 -47.17
C ARG B 666 14.67 -36.05 -46.39
N LEU B 667 15.21 -37.20 -46.82
CA LEU B 667 16.36 -37.88 -46.16
C LEU B 667 17.60 -36.99 -46.31
N VAL B 668 18.37 -36.85 -45.24
CA VAL B 668 19.52 -35.89 -45.14
C VAL B 668 20.81 -36.70 -44.98
N SER B 669 20.99 -37.33 -43.81
CA SER B 669 22.22 -38.05 -43.39
C SER B 669 21.83 -39.38 -42.74
N THR B 670 22.70 -40.37 -42.89
CA THR B 670 22.61 -41.71 -42.26
C THR B 670 24.04 -42.13 -41.87
N ALA B 671 24.23 -42.58 -40.63
CA ALA B 671 25.50 -43.12 -40.08
C ALA B 671 25.22 -44.39 -39.25
N ARG B 672 26.20 -45.28 -39.18
CA ARG B 672 26.21 -46.44 -38.25
C ARG B 672 27.44 -46.24 -37.36
N THR B 673 27.27 -46.36 -36.04
CA THR B 673 28.34 -46.11 -35.03
C THR B 673 28.20 -47.15 -33.92
N THR B 674 29.02 -47.07 -32.87
CA THR B 674 29.07 -48.02 -31.74
C THR B 674 29.32 -47.30 -30.40
N GLU B 675 28.91 -46.03 -30.27
CA GLU B 675 29.06 -45.21 -29.03
C GLU B 675 27.72 -44.51 -28.75
N THR B 676 27.28 -44.49 -27.50
CA THR B 676 25.89 -44.07 -27.12
C THR B 676 25.62 -42.58 -27.39
N THR B 677 26.58 -41.81 -27.93
CA THR B 677 26.40 -40.38 -28.30
C THR B 677 26.98 -40.12 -29.70
N TYR B 678 26.49 -39.08 -30.39
CA TYR B 678 26.92 -38.70 -31.75
C TYR B 678 26.56 -37.24 -32.06
N ARG B 679 27.19 -36.69 -33.09
CA ARG B 679 27.07 -35.28 -33.56
C ARG B 679 26.79 -35.23 -35.08
N PHE B 680 25.81 -34.41 -35.47
CA PHE B 680 25.48 -34.05 -36.88
C PHE B 680 25.69 -32.56 -37.05
N THR B 681 26.49 -32.17 -38.04
CA THR B 681 27.00 -30.79 -38.25
C THR B 681 26.45 -30.25 -39.57
N GLN B 682 26.50 -28.93 -39.76
CA GLN B 682 26.15 -28.18 -41.00
C GLN B 682 24.78 -28.65 -41.53
N LEU B 683 23.81 -28.81 -40.63
CA LEU B 683 22.38 -28.92 -41.01
C LEU B 683 21.82 -27.49 -41.13
N ALA B 684 20.59 -27.36 -41.64
CA ALA B 684 19.86 -26.09 -41.90
C ALA B 684 18.72 -25.93 -40.87
N LEU B 685 17.86 -24.92 -41.04
CA LEU B 685 16.77 -24.54 -40.10
C LEU B 685 15.49 -25.30 -40.47
N GLY B 686 14.84 -25.95 -39.50
CA GLY B 686 13.57 -26.68 -39.68
C GLY B 686 13.20 -27.55 -38.48
N ASN B 687 12.07 -28.26 -38.58
CA ASN B 687 11.65 -29.33 -37.62
C ASN B 687 12.22 -30.65 -38.17
N TYR B 688 12.84 -31.48 -37.33
CA TYR B 688 13.57 -32.69 -37.81
C TYR B 688 13.13 -33.94 -37.06
N ARG B 689 13.16 -35.07 -37.77
CA ARG B 689 13.02 -36.45 -37.23
C ARG B 689 14.39 -37.11 -37.27
N LEU B 690 14.95 -37.38 -36.10
CA LEU B 690 16.18 -38.18 -35.96
C LEU B 690 15.84 -39.59 -35.45
N THR B 691 16.05 -40.64 -36.26
CA THR B 691 15.72 -42.04 -35.90
C THR B 691 17.01 -42.80 -35.57
N VAL B 692 17.01 -43.49 -34.45
CA VAL B 692 18.16 -44.35 -34.03
C VAL B 692 17.64 -45.79 -33.92
N ARG B 693 18.46 -46.76 -34.32
CA ARG B 693 18.12 -48.22 -34.28
C ARG B 693 19.32 -48.96 -33.65
N ALA B 694 19.06 -50.09 -32.96
CA ALA B 694 20.08 -50.99 -32.37
C ALA B 694 20.26 -52.22 -33.27
N VAL B 695 21.51 -52.50 -33.71
CA VAL B 695 21.87 -53.54 -34.71
C VAL B 695 22.81 -54.57 -34.06
N ASN B 696 22.48 -55.86 -34.17
CA ASN B 696 23.33 -56.99 -33.74
C ASN B 696 24.42 -57.22 -34.79
N ALA B 697 25.38 -58.12 -34.52
CA ALA B 697 26.52 -58.47 -35.41
C ALA B 697 25.99 -59.06 -36.73
N TRP B 698 24.84 -59.75 -36.70
CA TRP B 698 24.21 -60.48 -37.84
C TRP B 698 23.49 -59.51 -38.79
N GLY B 699 23.30 -58.25 -38.38
CA GLY B 699 22.66 -57.19 -39.19
C GLY B 699 21.15 -57.10 -38.98
N GLN B 700 20.56 -57.93 -38.10
CA GLN B 700 19.10 -57.89 -37.76
C GLN B 700 18.83 -56.69 -36.84
N GLN B 701 18.46 -55.55 -37.43
CA GLN B 701 18.29 -54.25 -36.74
C GLN B 701 17.03 -54.32 -35.87
N GLY B 702 17.10 -53.78 -34.64
CA GLY B 702 15.97 -53.74 -33.68
C GLY B 702 14.94 -52.68 -34.04
N ASP B 703 13.96 -52.47 -33.16
CA ASP B 703 12.87 -51.47 -33.32
C ASP B 703 13.47 -50.07 -33.35
N PRO B 704 12.84 -49.09 -34.05
CA PRO B 704 13.38 -47.72 -34.12
C PRO B 704 12.89 -46.81 -33.00
N ALA B 705 13.65 -45.76 -32.71
CA ALA B 705 13.32 -44.63 -31.81
C ALA B 705 13.59 -43.33 -32.56
N SER B 706 12.53 -42.63 -32.96
CA SER B 706 12.58 -41.39 -33.78
C SER B 706 12.16 -40.21 -32.92
N VAL B 707 13.13 -39.35 -32.53
CA VAL B 707 12.88 -38.07 -31.81
C VAL B 707 12.49 -37.00 -32.83
N SER B 708 11.70 -36.02 -32.37
CA SER B 708 11.22 -34.86 -33.17
C SER B 708 11.46 -33.57 -32.38
N PHE B 709 12.17 -32.62 -33.00
CA PHE B 709 12.61 -31.34 -32.39
C PHE B 709 12.81 -30.29 -33.49
N ARG B 710 12.55 -29.01 -33.12
CA ARG B 710 12.22 -27.86 -34.01
C ARG B 710 13.36 -26.81 -34.06
N ILE B 711 13.50 -26.07 -35.16
CA ILE B 711 14.51 -24.98 -35.29
C ILE B 711 13.98 -23.90 -36.25
N ALA B 712 14.05 -22.65 -35.79
CA ALA B 712 13.81 -21.39 -36.50
C ALA B 712 13.86 -20.28 -35.44
N ALA B 713 13.72 -19.00 -35.78
CA ALA B 713 13.64 -17.90 -34.78
C ALA B 713 12.52 -18.24 -33.78
N PRO B 714 12.82 -18.37 -32.45
CA PRO B 714 11.84 -18.86 -31.48
C PRO B 714 10.62 -17.93 -31.48
N ALA B 715 9.44 -18.40 -31.07
CA ALA B 715 8.23 -17.55 -31.08
C ALA B 715 8.22 -16.73 -29.80
N ALA B 716 8.24 -15.38 -29.91
CA ALA B 716 8.21 -14.37 -28.81
C ALA B 716 6.90 -14.54 -28.04
N PRO B 717 6.90 -14.25 -26.74
CA PRO B 717 5.74 -14.59 -25.93
C PRO B 717 4.48 -14.05 -26.62
N SER B 718 3.40 -14.83 -26.48
CA SER B 718 2.00 -14.47 -26.76
C SER B 718 1.56 -13.54 -25.64
N ARG B 719 2.09 -13.74 -24.45
CA ARG B 719 1.69 -12.84 -23.36
C ARG B 719 2.87 -12.48 -22.46
N ILE B 720 2.51 -11.64 -21.48
CA ILE B 720 3.35 -11.24 -20.31
C ILE B 720 2.53 -10.69 -19.12
N GLU B 721 2.63 -11.36 -17.99
CA GLU B 721 1.74 -11.11 -16.83
C GLU B 721 2.51 -10.45 -15.67
N LEU B 722 1.99 -9.30 -15.23
CA LEU B 722 2.52 -8.43 -14.15
C LEU B 722 1.64 -8.56 -12.92
N THR B 723 2.00 -9.46 -11.98
CA THR B 723 1.71 -9.29 -10.51
C THR B 723 2.53 -8.10 -9.99
N PRO B 724 1.92 -6.90 -9.97
CA PRO B 724 2.64 -5.71 -9.55
C PRO B 724 2.79 -5.85 -8.03
N GLY B 725 4.05 -6.00 -7.59
CA GLY B 725 4.47 -6.02 -6.16
C GLY B 725 4.70 -4.62 -5.61
N TYR B 726 4.62 -4.38 -4.31
CA TYR B 726 4.81 -3.04 -3.70
C TYR B 726 6.22 -2.50 -3.99
N PHE B 727 6.35 -1.66 -5.04
CA PHE B 727 7.62 -1.05 -5.52
C PHE B 727 8.45 -2.05 -6.30
N GLN B 728 7.82 -2.72 -7.27
CA GLN B 728 8.47 -3.68 -8.22
C GLN B 728 7.39 -4.37 -9.07
N ILE B 729 7.75 -4.65 -10.32
CA ILE B 729 6.95 -5.42 -11.31
C ILE B 729 7.51 -6.84 -11.27
N THR B 730 6.65 -7.83 -11.51
CA THR B 730 6.98 -9.26 -11.70
C THR B 730 6.47 -9.67 -13.11
N ALA B 731 7.17 -9.27 -14.18
CA ALA B 731 6.78 -9.51 -15.61
C ALA B 731 7.24 -10.93 -16.04
N THR B 732 6.25 -11.84 -16.11
CA THR B 732 6.34 -13.32 -16.34
C THR B 732 5.66 -13.71 -17.65
N PRO B 733 6.42 -13.81 -18.77
CA PRO B 733 5.88 -14.21 -20.07
C PRO B 733 5.38 -15.66 -20.23
N HIS B 734 4.82 -16.01 -21.41
CA HIS B 734 4.27 -17.33 -21.80
C HIS B 734 4.10 -17.39 -23.33
N LEU B 735 4.31 -18.56 -23.93
CA LEU B 735 3.97 -18.82 -25.36
C LEU B 735 2.77 -19.79 -25.44
N ALA B 736 2.33 -20.17 -26.65
CA ALA B 736 1.18 -21.10 -26.85
C ALA B 736 1.67 -22.55 -27.00
N VAL B 737 2.57 -22.72 -27.99
CA VAL B 737 3.26 -23.99 -28.38
C VAL B 737 4.68 -24.00 -27.76
N TYR B 738 4.84 -24.69 -26.62
CA TYR B 738 5.97 -24.51 -25.65
C TYR B 738 7.22 -25.23 -26.19
N ASP B 739 8.34 -24.48 -26.24
CA ASP B 739 9.72 -24.94 -26.58
C ASP B 739 10.57 -24.84 -25.31
N PRO B 740 11.13 -25.96 -24.81
CA PRO B 740 11.74 -25.93 -23.49
C PRO B 740 13.07 -25.16 -23.48
N THR B 741 13.58 -24.86 -24.68
CA THR B 741 15.00 -24.55 -24.97
C THR B 741 15.09 -23.15 -25.61
N VAL B 742 14.21 -22.25 -25.17
CA VAL B 742 14.29 -20.78 -25.42
C VAL B 742 14.26 -20.02 -24.09
N GLN B 743 15.27 -19.16 -23.87
CA GLN B 743 15.38 -18.18 -22.75
C GLN B 743 14.60 -16.90 -23.11
N PHE B 744 14.71 -15.87 -22.28
CA PHE B 744 14.02 -14.58 -22.50
C PHE B 744 14.92 -13.37 -22.27
N GLU B 745 14.84 -12.35 -23.13
CA GLU B 745 15.39 -11.00 -22.88
C GLU B 745 14.23 -10.09 -22.43
N PHE B 746 14.45 -9.29 -21.39
CA PHE B 746 13.51 -8.26 -20.88
C PHE B 746 14.11 -6.84 -20.92
N TRP B 747 13.24 -5.88 -21.23
CA TRP B 747 13.54 -4.42 -21.25
C TRP B 747 12.44 -3.61 -20.50
N PHE B 748 12.86 -2.65 -19.64
CA PHE B 748 12.04 -1.59 -18.97
C PHE B 748 12.14 -0.19 -19.61
N SER B 749 11.04 0.52 -19.70
CA SER B 749 11.10 1.95 -20.08
C SER B 749 9.93 2.71 -19.46
N GLU B 750 10.15 4.00 -19.20
CA GLU B 750 9.21 4.96 -18.55
C GLU B 750 8.30 5.54 -19.64
N LYS B 751 8.79 5.57 -20.88
CA LYS B 751 8.02 6.09 -22.03
C LYS B 751 7.91 4.98 -23.08
N GLN B 752 6.67 4.64 -23.44
CA GLN B 752 6.41 3.86 -24.66
C GLN B 752 7.08 4.55 -25.84
N ILE B 753 7.82 3.79 -26.67
CA ILE B 753 8.54 4.31 -27.89
C ILE B 753 7.67 4.14 -29.13
N ALA B 754 7.83 5.06 -30.07
CA ALA B 754 7.11 5.14 -31.36
C ALA B 754 7.27 3.82 -32.11
N ASP B 755 8.51 3.41 -32.32
CA ASP B 755 8.87 2.25 -33.17
C ASP B 755 9.05 1.03 -32.25
N ILE B 756 9.80 0.02 -32.74
CA ILE B 756 10.32 -1.14 -31.96
C ILE B 756 11.84 -1.29 -32.20
N ARG B 757 12.33 -0.91 -33.38
CA ARG B 757 13.71 -1.22 -33.88
C ARG B 757 14.78 -0.52 -33.01
N GLN B 758 14.42 0.43 -32.15
CA GLN B 758 15.42 1.18 -31.35
C GLN B 758 15.21 0.90 -29.85
N VAL B 759 14.49 -0.16 -29.49
CA VAL B 759 14.22 -0.51 -28.05
C VAL B 759 15.56 -0.84 -27.37
N GLU B 760 16.33 -1.76 -27.95
CA GLU B 760 17.67 -2.20 -27.47
C GLU B 760 18.68 -1.04 -27.56
N THR B 761 18.29 0.10 -28.15
CA THR B 761 19.07 1.36 -28.22
C THR B 761 18.48 2.44 -27.28
N SER B 762 17.28 2.24 -26.71
CA SER B 762 16.52 3.30 -25.97
C SER B 762 15.91 2.80 -24.67
N THR B 763 16.33 1.64 -24.16
CA THR B 763 15.66 0.99 -23.00
C THR B 763 16.72 0.43 -22.04
N ARG B 764 16.53 0.60 -20.72
CA ARG B 764 17.35 0.03 -19.61
C ARG B 764 17.26 -1.50 -19.65
N TYR B 765 18.39 -2.20 -19.71
CA TYR B 765 18.40 -3.67 -19.94
C TYR B 765 18.11 -4.32 -18.60
N LEU B 766 16.89 -4.77 -18.45
CA LEU B 766 16.58 -5.70 -17.37
C LEU B 766 17.43 -6.98 -17.50
N GLY B 767 17.50 -7.66 -18.68
CA GLY B 767 18.41 -8.82 -18.92
C GLY B 767 17.79 -10.06 -19.56
N THR B 768 18.25 -11.31 -19.27
CA THR B 768 17.76 -12.60 -19.89
C THR B 768 17.63 -13.77 -18.90
N ALA B 769 16.37 -14.13 -18.59
CA ALA B 769 15.98 -15.23 -17.67
C ALA B 769 14.70 -15.87 -18.19
N LEU B 770 13.97 -16.62 -17.35
CA LEU B 770 12.66 -17.20 -17.73
C LEU B 770 11.58 -16.20 -17.36
N TYR B 771 11.65 -15.65 -16.15
CA TYR B 771 10.72 -14.58 -15.74
C TYR B 771 11.63 -13.55 -15.10
N TRP B 772 11.30 -12.23 -15.08
CA TRP B 772 12.08 -11.18 -14.35
C TRP B 772 11.31 -10.64 -13.15
N ILE B 773 11.99 -10.36 -12.05
CA ILE B 773 11.47 -9.20 -11.33
C ILE B 773 12.43 -8.05 -11.53
N ALA B 774 11.84 -7.00 -12.13
CA ALA B 774 12.22 -5.59 -12.38
C ALA B 774 12.13 -4.74 -11.09
N ALA B 775 13.25 -4.16 -10.64
CA ALA B 775 13.32 -3.12 -9.57
C ALA B 775 14.17 -1.90 -9.99
N SER B 776 13.71 -0.70 -9.64
CA SER B 776 14.53 0.51 -9.50
C SER B 776 14.04 1.29 -8.26
N ILE B 777 14.96 1.83 -7.46
CA ILE B 777 14.72 2.36 -6.08
C ILE B 777 13.62 3.43 -6.11
N ASN B 778 13.61 4.20 -7.19
CA ASN B 778 12.72 5.37 -7.37
C ASN B 778 11.31 4.87 -7.69
N ILE B 779 11.09 3.56 -7.93
CA ILE B 779 9.76 3.06 -8.39
C ILE B 779 8.76 3.54 -7.34
N LYS B 780 7.62 4.02 -7.80
CA LYS B 780 6.62 4.67 -6.94
C LYS B 780 5.29 4.32 -7.56
N PRO B 781 4.23 3.90 -6.79
CA PRO B 781 3.17 3.12 -7.41
C PRO B 781 2.57 3.85 -8.66
N GLY B 782 1.45 3.30 -9.16
CA GLY B 782 0.29 4.06 -9.68
C GLY B 782 0.70 5.07 -10.71
N HIS B 783 1.66 4.69 -11.56
CA HIS B 783 1.93 5.15 -12.95
C HIS B 783 2.17 3.91 -13.82
N ASP B 784 1.84 3.99 -15.09
CA ASP B 784 2.15 2.86 -15.98
C ASP B 784 3.64 2.95 -16.29
N TYR B 785 4.33 1.83 -16.53
CA TYR B 785 5.61 1.76 -17.29
C TYR B 785 5.57 0.60 -18.29
N TYR B 786 6.23 0.76 -19.47
CA TYR B 786 6.06 -0.07 -20.69
C TYR B 786 7.16 -1.14 -20.79
N PHE B 787 6.82 -2.27 -21.43
CA PHE B 787 7.64 -3.53 -21.43
C PHE B 787 7.89 -4.00 -22.85
N TYR B 788 9.12 -4.41 -23.14
CA TYR B 788 9.61 -4.97 -24.43
C TYR B 788 10.36 -6.26 -24.14
N ILE B 789 9.70 -7.40 -24.37
CA ILE B 789 10.30 -8.73 -24.03
C ILE B 789 10.60 -9.40 -25.37
N ARG B 790 11.45 -10.42 -25.34
CA ARG B 790 11.73 -11.30 -26.50
C ARG B 790 12.18 -12.69 -26.00
N SER B 791 11.98 -13.71 -26.82
CA SER B 791 12.52 -15.07 -26.58
C SER B 791 13.91 -15.15 -27.22
N VAL B 792 14.92 -15.61 -26.48
CA VAL B 792 16.26 -15.94 -27.04
C VAL B 792 16.44 -17.47 -27.05
N ASN B 793 17.37 -17.98 -27.86
CA ASN B 793 17.79 -19.42 -27.95
C ASN B 793 19.06 -19.45 -28.82
N THR B 794 19.55 -20.64 -29.17
CA THR B 794 20.74 -20.76 -30.05
C THR B 794 20.44 -20.17 -31.44
N VAL B 795 19.21 -20.31 -31.93
CA VAL B 795 18.82 -19.82 -33.29
C VAL B 795 19.04 -18.30 -33.31
N GLY B 796 18.28 -17.57 -32.49
CA GLY B 796 18.35 -16.09 -32.41
C GLY B 796 17.43 -15.47 -31.37
N LYS B 797 17.67 -14.19 -31.11
CA LYS B 797 16.79 -13.23 -30.38
C LYS B 797 15.52 -13.13 -31.21
N SER B 798 14.35 -13.29 -30.61
CA SER B 798 13.10 -13.37 -31.41
C SER B 798 12.79 -11.99 -31.99
N ALA B 799 11.69 -11.83 -32.74
CA ALA B 799 11.04 -10.51 -32.92
C ALA B 799 10.55 -10.04 -31.53
N PHE B 800 10.52 -8.73 -31.27
CA PHE B 800 10.20 -8.18 -29.93
C PHE B 800 8.73 -8.29 -29.64
N VAL B 801 8.34 -7.99 -28.40
CA VAL B 801 6.89 -7.91 -28.05
C VAL B 801 6.73 -6.81 -27.00
N GLU B 802 5.56 -6.16 -27.09
CA GLU B 802 5.04 -5.07 -26.21
C GLU B 802 4.28 -5.67 -25.00
N ALA B 803 3.99 -4.77 -24.04
CA ALA B 803 3.07 -4.88 -22.87
C ALA B 803 3.20 -3.62 -22.03
N VAL B 804 2.34 -3.56 -21.01
CA VAL B 804 2.21 -2.38 -20.11
C VAL B 804 2.03 -2.94 -18.70
N GLY B 805 2.35 -2.12 -17.67
CA GLY B 805 2.06 -2.45 -16.26
C GLY B 805 2.06 -1.27 -15.29
N ARG B 806 1.62 -1.46 -14.06
CA ARG B 806 1.87 -0.48 -12.96
C ARG B 806 2.37 -1.23 -11.73
N ALA B 807 2.41 -0.60 -10.55
CA ALA B 807 2.75 -1.26 -9.24
C ALA B 807 1.48 -1.55 -8.42
N SER B 808 1.67 -2.00 -7.18
CA SER B 808 0.60 -2.29 -6.20
C SER B 808 0.02 -0.93 -5.80
N ASP B 809 -1.30 -0.88 -5.53
CA ASP B 809 -2.07 0.39 -5.46
C ASP B 809 -2.31 0.72 -4.00
N ASP B 810 -2.56 -0.32 -3.23
CA ASP B 810 -2.93 -0.18 -1.79
C ASP B 810 -1.80 0.48 -0.98
N ALA B 811 -2.18 1.02 0.17
CA ALA B 811 -1.46 2.03 0.96
C ALA B 811 -1.03 1.37 2.22
N GLU B 812 -1.95 0.61 2.82
CA GLU B 812 -1.72 -0.03 4.14
C GLU B 812 -0.62 -1.06 3.92
N GLY B 813 -0.63 -1.64 2.71
CA GLY B 813 0.47 -2.48 2.20
C GLY B 813 1.76 -1.68 2.16
N TYR B 814 1.77 -0.57 1.42
CA TYR B 814 2.97 0.28 1.44
C TYR B 814 3.41 0.51 2.87
N LEU B 815 2.47 0.70 3.81
CA LEU B 815 2.84 1.27 5.12
C LEU B 815 3.55 0.21 5.96
N ASP B 816 3.08 -1.05 5.92
CA ASP B 816 3.87 -2.22 6.40
C ASP B 816 5.12 -2.40 5.49
N PHE B 817 5.06 -2.14 4.20
CA PHE B 817 6.28 -2.20 3.38
C PHE B 817 7.35 -1.25 3.91
N PHE B 818 6.97 0.03 3.97
CA PHE B 818 7.83 1.17 4.39
C PHE B 818 8.36 0.85 5.78
N LYS B 819 7.58 0.05 6.53
CA LYS B 819 7.90 -0.39 7.93
C LYS B 819 9.08 -1.34 7.81
N GLY B 820 9.01 -2.18 6.77
CA GLY B 820 10.17 -2.92 6.28
C GLY B 820 11.37 -2.01 6.34
N LYS B 821 11.30 -0.97 5.52
CA LYS B 821 12.44 -0.08 5.20
C LYS B 821 12.85 0.68 6.45
N ILE B 822 11.89 1.00 7.32
CA ILE B 822 12.10 1.87 8.52
C ILE B 822 12.95 1.14 9.56
N THR B 823 12.53 -0.09 9.85
CA THR B 823 13.05 -0.88 10.99
C THR B 823 14.47 -1.33 10.65
N GLU B 824 14.67 -1.78 9.41
CA GLU B 824 15.99 -2.20 8.86
C GLU B 824 16.83 -0.94 8.61
N SER B 825 16.90 -0.04 9.60
CA SER B 825 17.79 1.13 9.61
C SER B 825 18.32 1.37 11.03
N HIS B 826 19.51 1.96 11.16
CA HIS B 826 20.14 2.32 12.45
C HIS B 826 19.23 3.30 13.20
N LEU B 827 18.44 4.07 12.46
CA LEU B 827 17.28 4.85 12.97
C LEU B 827 16.35 3.94 13.81
N GLY B 828 15.77 2.91 13.22
CA GLY B 828 14.99 1.98 14.05
C GLY B 828 15.81 1.55 15.25
N LYS B 829 17.03 1.03 15.01
CA LYS B 829 17.90 0.27 15.97
C LYS B 829 18.25 1.14 17.20
N GLU B 830 18.18 2.47 17.07
CA GLU B 830 18.43 3.41 18.20
C GLU B 830 17.10 3.83 18.83
N LEU B 831 16.16 4.26 18.00
CA LEU B 831 14.80 4.71 18.40
C LEU B 831 14.01 3.57 19.04
N LEU B 832 13.79 2.54 18.21
CA LEU B 832 13.10 1.28 18.55
C LEU B 832 14.14 0.20 18.89
N GLU B 833 13.71 -1.04 19.09
CA GLU B 833 14.64 -2.20 19.16
C GLU B 833 15.63 -2.13 20.33
N LYS B 834 15.94 -0.97 20.91
CA LYS B 834 16.86 -0.95 22.08
C LYS B 834 16.03 -0.65 23.32
N VAL B 835 16.17 -1.43 24.38
CA VAL B 835 15.23 -1.40 25.54
C VAL B 835 15.92 -0.64 26.68
N GLU B 836 16.73 0.36 26.37
CA GLU B 836 17.49 1.13 27.37
C GLU B 836 16.56 1.51 28.53
N LEU B 837 17.06 1.51 29.78
CA LEU B 837 16.31 1.75 31.07
C LEU B 837 15.59 0.46 31.53
N THR B 838 15.17 0.41 32.80
CA THR B 838 14.85 -0.88 33.48
C THR B 838 13.88 -0.68 34.65
N GLU B 839 14.38 -0.49 35.89
CA GLU B 839 13.61 -0.37 37.16
C GLU B 839 12.33 0.46 36.95
N ASP B 840 11.28 0.16 37.73
CA ASP B 840 9.98 0.90 37.70
C ASP B 840 10.25 2.42 37.82
N ASN B 841 9.43 3.24 37.15
CA ASN B 841 9.48 4.73 37.14
C ASN B 841 10.85 5.22 36.67
N ALA B 842 11.37 4.63 35.58
CA ALA B 842 12.55 5.09 34.80
C ALA B 842 12.10 6.11 33.74
N SER B 843 12.91 7.14 33.48
CA SER B 843 12.67 8.12 32.38
C SER B 843 14.02 8.75 31.97
N ARG B 844 14.42 8.56 30.72
CA ARG B 844 15.69 9.09 30.13
C ARG B 844 15.32 9.92 28.88
N LEU B 845 15.82 11.16 28.77
CA LEU B 845 15.67 12.04 27.57
C LEU B 845 17.07 12.31 27.04
N GLU B 846 17.32 12.12 25.76
CA GLU B 846 18.69 12.34 25.23
C GLU B 846 18.65 12.88 23.80
N GLU B 847 19.60 13.78 23.52
CA GLU B 847 19.88 14.41 22.19
C GLU B 847 21.28 13.92 21.84
N PHE B 848 21.43 13.08 20.82
CA PHE B 848 22.76 12.54 20.42
C PHE B 848 22.90 12.55 18.89
N SER B 849 24.14 12.72 18.46
CA SER B 849 24.52 12.71 17.03
C SER B 849 25.79 11.86 16.82
N LYS B 850 25.94 11.22 15.64
CA LYS B 850 27.15 10.49 15.19
C LYS B 850 27.12 10.29 13.67
N GLU B 851 28.26 10.58 13.05
CA GLU B 851 28.60 10.25 11.64
C GLU B 851 29.88 9.42 11.72
N TRP B 852 29.79 8.11 11.53
CA TRP B 852 30.87 7.18 11.95
C TRP B 852 31.03 6.09 10.90
N LYS B 853 32.13 5.34 11.00
CA LYS B 853 32.55 4.26 10.05
C LYS B 853 31.73 3.00 10.32
N ASP B 854 31.20 2.38 9.26
CA ASP B 854 30.50 1.07 9.31
C ASP B 854 31.24 0.05 8.42
N ALA B 855 30.83 -1.21 8.50
CA ALA B 855 31.51 -2.40 7.93
C ALA B 855 31.69 -2.28 6.40
N SER B 856 30.83 -1.55 5.70
CA SER B 856 30.87 -1.39 4.22
C SER B 856 31.84 -0.27 3.81
N ASP B 857 32.70 0.19 4.74
CA ASP B 857 33.59 1.36 4.55
C ASP B 857 32.74 2.56 4.09
N LYS B 858 31.66 2.84 4.82
CA LYS B 858 30.77 4.00 4.58
C LYS B 858 30.61 4.78 5.89
N TRP B 859 30.40 6.09 5.75
CA TRP B 859 30.04 7.00 6.86
C TRP B 859 28.51 6.96 6.99
N ASN B 860 28.01 6.69 8.20
CA ASN B 860 26.55 6.76 8.51
C ASN B 860 26.33 7.95 9.44
N ALA B 861 25.37 8.78 9.07
CA ALA B 861 25.20 10.14 9.56
C ALA B 861 23.78 10.26 10.15
N MET B 862 23.64 10.56 11.44
CA MET B 862 22.34 10.51 12.15
C MET B 862 22.35 11.46 13.34
N TRP B 863 21.39 12.40 13.42
CA TRP B 863 21.08 13.14 14.68
C TRP B 863 19.70 12.71 15.11
N ALA B 864 19.48 12.45 16.39
CA ALA B 864 18.11 12.11 16.82
C ALA B 864 17.79 12.70 18.19
N VAL B 865 16.50 12.76 18.49
CA VAL B 865 15.97 12.98 19.86
C VAL B 865 15.26 11.69 20.34
N LYS B 866 15.49 11.26 21.60
CA LYS B 866 14.92 9.98 22.14
C LYS B 866 14.58 10.09 23.62
N ILE B 867 13.42 9.57 23.97
CA ILE B 867 12.92 9.46 25.36
C ILE B 867 12.42 8.02 25.57
N GLU B 868 12.56 7.50 26.80
CA GLU B 868 12.00 6.20 27.27
C GLU B 868 11.63 6.31 28.76
N GLN B 869 10.57 5.61 29.16
CA GLN B 869 9.98 5.64 30.52
C GLN B 869 9.37 4.27 30.85
N THR B 870 9.38 3.92 32.13
CA THR B 870 8.89 2.62 32.70
C THR B 870 7.85 2.94 33.80
N LYS B 871 6.63 2.46 33.64
CA LYS B 871 5.51 2.72 34.57
C LYS B 871 4.78 1.39 34.77
N ASP B 872 4.65 0.98 36.02
CA ASP B 872 4.22 -0.39 36.46
C ASP B 872 4.94 -1.46 35.62
N GLY B 873 6.17 -1.18 35.18
CA GLY B 873 7.03 -2.10 34.41
C GLY B 873 7.06 -1.81 32.91
N LYS B 874 5.91 -1.55 32.27
CA LYS B 874 5.79 -1.52 30.77
C LYS B 874 6.38 -0.23 30.21
N HIS B 875 7.07 -0.38 29.09
CA HIS B 875 8.20 0.47 28.69
C HIS B 875 7.73 1.33 27.52
N TYR B 876 7.64 2.65 27.67
CA TYR B 876 7.09 3.55 26.62
C TYR B 876 8.19 4.41 25.99
N VAL B 877 8.41 4.31 24.67
CA VAL B 877 9.46 5.02 23.86
C VAL B 877 8.71 6.09 23.05
N ALA B 878 9.38 7.17 22.60
CA ALA B 878 8.97 8.13 21.52
C ALA B 878 10.19 8.99 21.18
N GLY B 879 10.20 9.71 20.09
CA GLY B 879 11.48 10.26 19.61
C GLY B 879 11.50 10.34 18.10
N ILE B 880 11.92 11.50 17.57
CA ILE B 880 12.11 11.76 16.12
C ILE B 880 13.57 12.16 15.87
N GLY B 881 13.94 12.08 14.60
CA GLY B 881 15.32 12.14 14.15
C GLY B 881 15.31 12.13 12.66
N LEU B 882 15.95 13.20 12.11
CA LEU B 882 16.59 13.23 10.77
C LEU B 882 17.80 12.26 10.70
N SER B 883 17.90 11.54 9.59
CA SER B 883 19.18 10.87 9.21
C SER B 883 19.37 10.64 7.71
N MET B 884 20.59 10.27 7.41
CA MET B 884 21.08 10.05 6.05
C MET B 884 22.02 8.88 6.19
N GLU B 885 21.53 7.68 5.94
CA GLU B 885 22.44 6.52 5.93
C GLU B 885 22.70 6.18 4.46
N ASP B 886 23.57 5.18 4.25
CA ASP B 886 24.12 4.73 2.95
C ASP B 886 23.30 3.56 2.40
N THR B 887 23.08 3.56 1.09
CA THR B 887 22.49 2.42 0.37
C THR B 887 23.49 1.95 -0.70
N GLU B 888 23.19 0.83 -1.35
CA GLU B 888 24.10 0.20 -2.34
C GLU B 888 24.15 1.10 -3.59
N GLU B 889 23.19 2.01 -3.76
CA GLU B 889 23.21 3.00 -4.89
C GLU B 889 23.73 4.37 -4.41
N GLY B 890 23.13 4.98 -3.37
CA GLY B 890 23.53 6.31 -2.83
C GLY B 890 22.96 6.61 -1.44
N LYS B 891 23.48 7.64 -0.74
CA LYS B 891 23.12 7.98 0.69
C LYS B 891 21.66 8.42 0.80
N LEU B 892 20.93 7.90 1.80
CA LEU B 892 19.46 8.13 1.86
C LEU B 892 18.97 8.69 3.21
N SER B 893 18.28 9.83 3.01
CA SER B 893 18.04 11.02 3.86
C SER B 893 16.57 11.13 4.21
N GLN B 894 16.29 10.65 5.37
CA GLN B 894 14.99 10.08 5.61
C GLN B 894 14.67 10.57 6.99
N PHE B 895 13.39 10.88 7.21
CA PHE B 895 12.80 11.37 8.50
C PHE B 895 12.03 10.29 9.28
N LEU B 896 12.43 10.17 10.51
CA LEU B 896 11.49 9.34 11.20
C LEU B 896 11.00 10.20 12.32
N VAL B 897 9.75 10.64 12.22
CA VAL B 897 9.03 11.14 13.42
C VAL B 897 8.33 9.92 13.98
N ALA B 898 8.44 9.66 15.29
CA ALA B 898 7.49 8.75 15.99
C ALA B 898 6.95 9.42 17.27
N ALA B 899 5.65 9.29 17.54
CA ALA B 899 5.07 9.58 18.88
C ALA B 899 3.68 9.00 18.98
N ASN B 900 3.09 9.00 20.16
CA ASN B 900 1.70 8.56 20.19
C ASN B 900 0.85 9.49 19.37
N ARG B 901 1.24 10.76 19.16
CA ARG B 901 0.44 11.77 18.38
C ARG B 901 1.25 13.01 17.93
N ILE B 902 1.08 13.31 16.69
CA ILE B 902 1.79 14.46 16.14
C ILE B 902 0.67 15.36 15.66
N ALA B 903 0.72 16.64 16.00
CA ALA B 903 -0.14 17.71 15.41
C ALA B 903 0.77 18.81 14.85
N PHE B 904 0.50 19.15 13.60
CA PHE B 904 0.82 20.46 13.01
C PHE B 904 -0.32 21.46 13.37
N ILE B 905 0.02 22.57 14.00
CA ILE B 905 -0.90 23.59 14.58
C ILE B 905 -0.21 24.89 14.19
N ASP B 906 -0.93 26.00 14.28
CA ASP B 906 -0.52 27.28 13.66
C ASP B 906 -0.57 28.37 14.72
N PRO B 907 0.42 29.29 14.77
CA PRO B 907 0.40 30.35 15.77
C PRO B 907 -0.29 31.65 15.33
N ALA B 908 -0.70 31.74 14.06
CA ALA B 908 -1.25 32.95 13.41
C ALA B 908 -2.38 33.60 14.23
N ASN B 909 -2.12 34.75 14.85
CA ASN B 909 -3.15 35.58 15.52
C ASN B 909 -3.81 34.78 16.64
N GLY B 910 -3.03 34.37 17.63
CA GLY B 910 -3.55 33.50 18.71
C GLY B 910 -4.30 32.33 18.10
N ASN B 911 -3.70 31.70 17.09
CA ASN B 911 -4.27 30.44 16.57
C ASN B 911 -3.80 29.28 17.45
N GLU B 912 -4.73 28.37 17.70
CA GLU B 912 -4.70 27.35 18.77
C GLU B 912 -5.34 26.05 18.23
N THR B 913 -5.73 26.01 16.97
CA THR B 913 -6.43 24.84 16.43
C THR B 913 -5.59 24.17 15.36
N PRO B 914 -5.59 22.80 15.34
CA PRO B 914 -4.75 22.07 14.38
C PRO B 914 -5.24 22.21 12.92
N MET B 915 -4.51 21.60 12.02
CA MET B 915 -4.94 21.38 10.62
C MET B 915 -4.50 20.00 10.15
N PHE B 916 -3.90 19.20 11.08
CA PHE B 916 -3.20 17.92 10.78
C PHE B 916 -2.73 17.16 12.02
N VAL B 917 -3.62 16.27 12.42
CA VAL B 917 -3.45 15.49 13.66
C VAL B 917 -3.44 14.02 13.28
N ALA B 918 -2.28 13.39 13.42
CA ALA B 918 -2.05 11.94 13.23
C ALA B 918 -1.88 11.25 14.60
N GLN B 919 -2.97 10.64 15.01
CA GLN B 919 -3.17 9.75 16.16
C GLN B 919 -3.40 8.40 15.54
N GLY B 920 -2.34 7.62 15.58
CA GLY B 920 -2.34 6.17 15.33
C GLY B 920 -3.18 5.80 14.12
N ASN B 921 -2.51 5.35 13.05
CA ASN B 921 -3.14 4.65 11.91
C ASN B 921 -4.18 5.54 11.27
N GLN B 922 -4.55 6.58 12.00
CA GLN B 922 -5.49 7.54 11.45
C GLN B 922 -4.63 8.73 11.20
N ILE B 923 -5.22 9.57 10.36
CA ILE B 923 -4.96 11.05 10.24
C ILE B 923 -6.33 11.74 10.47
N PHE B 924 -6.33 12.94 11.03
CA PHE B 924 -7.44 13.88 10.92
C PHE B 924 -6.88 15.09 10.22
N MET B 925 -7.64 15.75 9.32
CA MET B 925 -7.19 17.01 8.65
C MET B 925 -8.32 18.03 8.51
N ASN B 926 -8.03 19.16 7.79
CA ASN B 926 -8.96 20.29 7.52
C ASN B 926 -9.39 20.31 6.04
N ASP B 927 -9.79 21.46 5.48
CA ASP B 927 -9.78 21.60 4.00
C ASP B 927 -8.37 21.25 3.48
N VAL B 928 -8.30 20.39 2.44
CA VAL B 928 -7.04 19.95 1.74
C VAL B 928 -7.20 20.01 0.21
N PHE B 929 -6.05 19.95 -0.41
CA PHE B 929 -5.77 20.40 -1.77
C PHE B 929 -4.87 19.35 -2.37
N LEU B 930 -5.39 18.55 -3.30
CA LEU B 930 -4.64 17.44 -3.97
C LEU B 930 -4.53 17.79 -5.44
N LYS B 931 -3.99 16.90 -6.20
CA LYS B 931 -3.56 17.14 -7.58
C LYS B 931 -4.05 15.97 -8.41
N ARG B 932 -4.09 14.81 -7.72
CA ARG B 932 -4.72 13.51 -8.09
C ARG B 932 -5.11 12.82 -6.80
N LEU B 933 -6.04 11.92 -6.86
CA LEU B 933 -6.21 11.06 -5.69
C LEU B 933 -6.40 9.65 -6.22
N THR B 934 -5.99 8.68 -5.40
CA THR B 934 -6.18 7.20 -5.58
C THR B 934 -6.58 6.61 -4.19
N ALA B 935 -7.86 6.62 -3.89
CA ALA B 935 -8.38 6.30 -2.55
C ALA B 935 -9.45 5.21 -2.66
N PRO B 936 -9.17 3.94 -2.34
CA PRO B 936 -10.11 2.87 -2.61
C PRO B 936 -11.38 2.86 -1.74
N THR B 937 -11.65 3.84 -0.87
CA THR B 937 -13.06 4.11 -0.44
C THR B 937 -13.18 5.60 -0.10
N ILE B 938 -14.30 6.22 -0.43
CA ILE B 938 -14.65 7.55 0.14
C ILE B 938 -16.14 7.73 0.41
N THR B 939 -16.43 7.84 1.69
CA THR B 939 -17.79 7.89 2.25
C THR B 939 -17.94 9.23 2.98
N SER B 940 -19.14 9.77 3.09
CA SER B 940 -19.37 11.16 3.58
C SER B 940 -19.44 11.22 5.12
N GLY B 941 -19.40 10.06 5.76
CA GLY B 941 -19.70 9.91 7.20
C GLY B 941 -21.19 9.74 7.45
N GLY B 942 -21.57 9.43 8.69
CA GLY B 942 -22.95 9.05 9.05
C GLY B 942 -23.16 7.57 8.80
N ASN B 943 -23.98 6.91 9.61
CA ASN B 943 -24.28 5.44 9.50
C ASN B 943 -24.95 5.22 8.15
N PRO B 944 -25.95 6.07 7.77
CA PRO B 944 -26.33 6.22 6.37
C PRO B 944 -25.49 7.32 5.72
N PRO B 945 -24.50 6.98 4.85
CA PRO B 945 -23.62 8.01 4.28
C PRO B 945 -24.39 8.80 3.21
N ALA B 946 -24.22 10.14 3.12
CA ALA B 946 -24.81 11.02 2.06
C ALA B 946 -24.56 10.35 0.73
N PHE B 947 -23.29 9.98 0.51
CA PHE B 947 -22.82 9.21 -0.67
C PHE B 947 -21.66 8.30 -0.27
N SER B 948 -21.22 7.43 -1.18
CA SER B 948 -20.00 6.61 -1.04
C SER B 948 -19.48 6.23 -2.42
N LEU B 949 -18.40 5.43 -2.42
CA LEU B 949 -17.93 4.45 -3.45
C LEU B 949 -17.19 3.30 -2.76
N THR B 950 -17.83 2.24 -2.31
CA THR B 950 -17.09 1.03 -1.88
C THR B 950 -16.20 0.53 -3.05
N PRO B 951 -15.14 -0.28 -2.79
CA PRO B 951 -14.12 -0.60 -3.80
C PRO B 951 -14.60 -1.24 -5.11
N ASP B 952 -15.81 -1.81 -5.11
CA ASP B 952 -16.42 -2.55 -6.25
C ASP B 952 -16.98 -1.57 -7.29
N GLY B 953 -16.81 -0.26 -7.07
CA GLY B 953 -17.19 0.78 -8.03
C GLY B 953 -18.67 1.13 -7.93
N LYS B 954 -19.45 0.49 -7.03
CA LYS B 954 -20.82 0.99 -6.74
C LYS B 954 -20.72 2.39 -6.14
N LEU B 955 -21.43 3.37 -6.70
CA LEU B 955 -21.58 4.79 -6.27
C LEU B 955 -22.84 4.81 -5.41
N THR B 956 -23.01 5.73 -4.48
CA THR B 956 -24.32 5.96 -3.84
C THR B 956 -24.59 7.46 -3.97
N ALA B 957 -25.84 7.90 -4.07
CA ALA B 957 -26.22 9.33 -3.99
C ALA B 957 -27.75 9.49 -3.91
N LYS B 958 -28.27 10.71 -4.10
CA LYS B 958 -29.71 11.09 -3.98
C LYS B 958 -30.08 12.11 -5.09
N ASN B 959 -29.08 12.69 -5.75
CA ASN B 959 -29.22 13.52 -6.98
C ASN B 959 -27.98 13.31 -7.83
N ALA B 960 -28.15 13.23 -9.15
CA ALA B 960 -27.06 13.07 -10.15
C ALA B 960 -27.23 14.05 -11.33
N ASP B 961 -27.15 15.35 -11.10
CA ASP B 961 -27.44 16.37 -12.14
C ASP B 961 -26.34 16.38 -13.22
N ILE B 962 -26.00 15.22 -13.78
CA ILE B 962 -25.17 15.15 -15.02
C ILE B 962 -25.93 15.93 -16.10
N SER B 963 -25.64 17.23 -16.19
CA SER B 963 -26.05 18.11 -17.29
C SER B 963 -25.25 17.66 -18.54
N GLY B 964 -25.57 16.43 -18.99
CA GLY B 964 -25.00 15.74 -20.17
C GLY B 964 -25.45 14.29 -20.22
N SER B 965 -25.08 13.64 -21.32
CA SER B 965 -25.35 12.21 -21.63
C SER B 965 -24.95 11.31 -20.44
N VAL B 966 -25.92 10.56 -19.90
CA VAL B 966 -25.70 9.39 -18.99
C VAL B 966 -25.32 8.13 -19.78
N ASN B 967 -24.04 7.92 -20.05
CA ASN B 967 -23.52 6.88 -20.99
C ASN B 967 -23.66 5.50 -20.30
N ALA B 968 -24.92 5.05 -20.10
CA ALA B 968 -25.29 3.93 -19.19
C ALA B 968 -25.40 2.58 -19.93
N ASN B 969 -25.53 1.50 -19.16
CA ASN B 969 -25.80 0.13 -19.65
C ASN B 969 -27.16 -0.36 -19.10
N SER B 970 -27.59 0.14 -17.95
CA SER B 970 -28.96 -0.07 -17.42
C SER B 970 -29.42 1.18 -16.68
N GLY B 971 -30.73 1.42 -16.78
CA GLY B 971 -31.56 2.39 -16.05
C GLY B 971 -32.79 1.65 -15.55
N THR B 972 -33.34 2.08 -14.41
CA THR B 972 -34.50 1.45 -13.71
C THR B 972 -35.39 2.53 -13.08
N LEU B 973 -35.87 3.51 -13.86
CA LEU B 973 -36.35 4.85 -13.41
C LEU B 973 -37.86 4.83 -13.19
N SER B 974 -38.33 4.78 -11.95
CA SER B 974 -39.74 4.41 -11.65
C SER B 974 -40.66 5.31 -12.48
N ASN B 975 -40.52 6.64 -12.39
CA ASN B 975 -41.49 7.61 -12.96
C ASN B 975 -40.72 8.70 -13.69
N VAL B 976 -40.35 8.42 -14.94
CA VAL B 976 -39.39 9.22 -15.77
C VAL B 976 -40.14 10.35 -16.50
N THR B 977 -39.50 11.52 -16.69
CA THR B 977 -39.93 12.59 -17.63
C THR B 977 -39.03 12.57 -18.85
N ILE B 978 -39.62 12.51 -20.03
CA ILE B 978 -38.90 12.77 -21.30
C ILE B 978 -39.61 13.94 -21.99
N ALA B 979 -38.87 14.92 -22.52
CA ALA B 979 -39.48 16.14 -23.10
C ALA B 979 -38.97 16.32 -24.53
N GLU B 980 -38.59 15.21 -25.17
CA GLU B 980 -38.07 15.17 -26.57
C GLU B 980 -37.97 13.69 -27.01
N ASN B 981 -37.12 13.39 -28.01
CA ASN B 981 -37.06 12.12 -28.79
C ASN B 981 -36.68 10.91 -27.91
N CYS B 982 -37.60 9.94 -27.77
CA CYS B 982 -37.38 8.57 -27.19
C CYS B 982 -37.39 7.55 -28.35
N THR B 983 -36.29 6.82 -28.61
CA THR B 983 -36.13 6.02 -29.87
C THR B 983 -35.81 4.52 -29.60
N ILE B 984 -36.78 3.78 -29.03
CA ILE B 984 -36.63 2.36 -28.53
C ILE B 984 -36.22 1.46 -29.69
N ASN B 985 -34.94 1.13 -29.84
CA ASN B 985 -34.47 0.15 -30.85
C ASN B 985 -34.91 -1.29 -30.48
N GLY B 986 -35.45 -1.51 -29.28
CA GLY B 986 -35.78 -2.87 -28.84
C GLY B 986 -37.27 -3.06 -28.79
N THR B 987 -37.72 -3.59 -27.65
CA THR B 987 -39.11 -3.98 -27.26
C THR B 987 -39.69 -2.94 -26.30
N LEU B 988 -40.56 -2.03 -26.75
CA LEU B 988 -41.47 -1.33 -25.79
C LEU B 988 -42.32 -2.44 -25.18
N ARG B 989 -42.86 -2.24 -23.98
CA ARG B 989 -43.79 -3.20 -23.36
C ARG B 989 -44.61 -2.43 -22.33
N ALA B 990 -45.86 -2.07 -22.66
CA ALA B 990 -46.70 -1.17 -21.84
C ALA B 990 -48.01 -1.86 -21.47
N GLU B 991 -48.27 -1.98 -20.16
CA GLU B 991 -49.58 -2.41 -19.58
C GLU B 991 -50.70 -1.48 -20.05
N LYS B 992 -50.44 -0.17 -20.01
CA LYS B 992 -51.43 0.92 -20.24
C LYS B 992 -50.82 1.96 -21.17
N ILE B 993 -51.63 2.51 -22.10
CA ILE B 993 -51.26 3.62 -23.05
C ILE B 993 -52.50 4.51 -23.25
N VAL B 994 -52.34 5.84 -23.20
CA VAL B 994 -53.43 6.85 -23.47
C VAL B 994 -52.92 7.85 -24.53
N GLY B 995 -52.25 7.40 -25.60
CA GLY B 995 -51.59 8.26 -26.60
C GLY B 995 -52.49 8.59 -27.79
N VAL C 613 -37.40 -65.38 44.89
CA VAL C 613 -37.35 -63.92 44.58
C VAL C 613 -38.72 -63.29 44.84
N ASN C 614 -38.79 -61.96 44.83
CA ASN C 614 -40.05 -61.17 44.73
C ASN C 614 -39.78 -59.92 43.89
N GLY C 615 -40.53 -59.76 42.80
CA GLY C 615 -40.62 -58.47 42.09
C GLY C 615 -41.33 -57.42 42.93
N VAL C 616 -40.69 -56.89 43.98
CA VAL C 616 -41.29 -55.83 44.87
C VAL C 616 -41.16 -54.48 44.15
N THR C 617 -42.26 -53.73 43.97
CA THR C 617 -42.24 -52.41 43.27
C THR C 617 -41.59 -51.38 44.18
N PRO C 618 -40.67 -50.56 43.65
CA PRO C 618 -39.85 -49.65 44.46
C PRO C 618 -40.61 -48.45 45.03
N PRO C 619 -40.94 -48.39 46.36
CA PRO C 619 -41.71 -47.27 46.89
C PRO C 619 -40.99 -45.93 46.67
N ALA C 620 -41.73 -44.89 46.28
CA ALA C 620 -41.24 -43.56 45.82
C ALA C 620 -40.28 -42.90 46.82
N VAL C 621 -39.48 -41.96 46.34
CA VAL C 621 -38.48 -41.20 47.16
C VAL C 621 -39.17 -40.08 47.93
N GLN C 622 -38.56 -39.63 49.04
CA GLN C 622 -38.95 -38.39 49.74
C GLN C 622 -37.68 -37.55 49.93
N HIS C 623 -37.85 -36.36 50.50
CA HIS C 623 -36.76 -35.40 50.81
C HIS C 623 -36.00 -35.15 49.50
N LEU C 624 -36.78 -34.95 48.43
CA LEU C 624 -36.33 -34.59 47.06
C LEU C 624 -36.03 -33.10 47.04
N THR C 625 -34.81 -32.71 46.75
CA THR C 625 -34.45 -31.27 46.70
C THR C 625 -33.88 -30.95 45.32
N ALA C 626 -34.23 -29.79 44.79
CA ALA C 626 -33.60 -29.20 43.60
C ALA C 626 -32.84 -27.92 43.99
N GLU C 627 -31.56 -27.83 43.62
CA GLU C 627 -30.77 -26.59 43.82
C GLU C 627 -30.47 -25.95 42.46
N VAL C 628 -30.91 -24.71 42.29
CA VAL C 628 -30.70 -23.90 41.05
C VAL C 628 -29.40 -23.08 41.21
N THR C 629 -28.54 -23.11 40.20
CA THR C 629 -27.29 -22.34 40.17
C THR C 629 -27.16 -21.74 38.78
N ALA C 630 -26.21 -20.82 38.56
CA ALA C 630 -25.87 -20.24 37.24
C ALA C 630 -24.34 -20.18 37.10
N ASP C 631 -23.69 -21.35 37.11
CA ASP C 631 -22.21 -21.51 37.19
C ASP C 631 -21.52 -20.75 36.05
N SER C 632 -21.77 -21.11 34.78
CA SER C 632 -21.12 -20.47 33.60
C SER C 632 -22.14 -19.61 32.84
N GLY C 633 -23.11 -19.03 33.57
CA GLY C 633 -24.42 -18.64 32.98
C GLY C 633 -25.20 -19.91 32.69
N GLU C 634 -26.19 -19.84 31.80
CA GLU C 634 -26.92 -21.03 31.32
C GLU C 634 -27.24 -21.90 32.53
N TYR C 635 -28.25 -21.51 33.31
CA TYR C 635 -28.46 -22.02 34.69
C TYR C 635 -28.56 -23.56 34.66
N GLN C 636 -28.09 -24.28 35.69
CA GLN C 636 -28.34 -25.73 35.91
C GLN C 636 -29.15 -25.96 37.19
N VAL C 637 -29.51 -27.21 37.49
CA VAL C 637 -30.19 -27.62 38.76
C VAL C 637 -29.67 -28.97 39.27
N LEU C 638 -29.18 -29.04 40.53
CA LEU C 638 -28.58 -30.25 41.19
C LEU C 638 -29.60 -30.97 42.05
N ALA C 639 -30.07 -32.14 41.62
CA ALA C 639 -31.20 -32.88 42.21
C ALA C 639 -30.67 -33.89 43.22
N ARG C 640 -31.06 -33.83 44.48
CA ARG C 640 -30.44 -34.70 45.50
C ARG C 640 -31.51 -35.15 46.54
N TRP C 641 -31.34 -36.36 47.11
CA TRP C 641 -32.22 -36.96 48.16
C TRP C 641 -31.57 -38.21 48.78
N ASP C 642 -32.34 -38.98 49.56
CA ASP C 642 -31.84 -40.11 50.40
C ASP C 642 -32.81 -41.29 50.26
N THR C 643 -32.34 -42.54 50.51
CA THR C 643 -33.07 -43.82 50.24
C THR C 643 -32.69 -44.92 51.25
N PRO C 644 -33.62 -45.81 51.71
CA PRO C 644 -33.27 -47.05 52.42
C PRO C 644 -32.94 -48.15 51.39
N LYS C 645 -33.08 -49.43 51.75
CA LYS C 645 -32.46 -50.60 51.04
C LYS C 645 -32.74 -50.60 49.52
N VAL C 646 -31.78 -51.14 48.74
CA VAL C 646 -31.84 -51.28 47.24
C VAL C 646 -31.34 -52.67 46.80
N VAL C 647 -31.88 -53.14 45.67
CA VAL C 647 -31.73 -54.52 45.11
C VAL C 647 -31.20 -54.40 43.68
N LYS C 648 -30.12 -55.14 43.34
CA LYS C 648 -29.35 -55.10 42.05
C LYS C 648 -29.43 -53.65 41.51
N GLY C 649 -29.28 -52.69 42.43
CA GLY C 649 -29.31 -51.24 42.19
C GLY C 649 -30.60 -50.60 42.67
N VAL C 650 -31.75 -51.01 42.14
CA VAL C 650 -32.95 -50.12 42.09
C VAL C 650 -32.53 -48.80 41.43
N SER C 651 -32.62 -48.66 40.10
CA SER C 651 -32.30 -47.42 39.33
C SER C 651 -32.97 -46.19 40.00
N PHE C 652 -32.77 -45.00 39.43
CA PHE C 652 -33.62 -43.81 39.58
C PHE C 652 -33.82 -43.22 38.19
N LEU C 653 -35.06 -43.13 37.76
CA LEU C 653 -35.39 -42.57 36.45
C LEU C 653 -35.98 -41.16 36.68
N LEU C 654 -35.40 -40.13 36.07
CA LEU C 654 -35.80 -38.72 36.27
C LEU C 654 -36.20 -38.20 34.89
N ARG C 655 -37.04 -37.16 34.84
CA ARG C 655 -37.45 -36.45 33.59
C ARG C 655 -37.89 -35.05 33.99
N LEU C 656 -37.58 -34.07 33.19
CA LEU C 656 -37.75 -32.70 33.68
C LEU C 656 -38.51 -31.93 32.61
N THR C 657 -39.65 -31.34 32.99
CA THR C 657 -40.55 -30.58 32.08
C THR C 657 -40.80 -29.17 32.58
N VAL C 658 -40.68 -28.21 31.66
CA VAL C 658 -41.08 -26.79 31.83
C VAL C 658 -42.56 -26.61 31.49
N THR C 659 -43.33 -26.03 32.41
CA THR C 659 -44.69 -25.48 32.16
C THR C 659 -44.58 -24.28 31.21
N ALA C 660 -45.14 -24.38 29.99
CA ALA C 660 -45.33 -23.25 29.07
C ALA C 660 -46.35 -22.27 29.69
N ASP C 661 -46.63 -21.15 29.02
CA ASP C 661 -47.47 -20.02 29.54
C ASP C 661 -48.88 -20.51 29.89
N ASP C 662 -49.46 -21.32 29.00
CA ASP C 662 -50.89 -21.71 28.96
C ASP C 662 -51.16 -22.92 29.88
N GLY C 663 -50.12 -23.54 30.45
CA GLY C 663 -50.25 -24.68 31.39
C GLY C 663 -49.96 -26.03 30.75
N SER C 664 -49.51 -26.06 29.49
CA SER C 664 -49.00 -27.28 28.77
C SER C 664 -47.49 -27.41 28.94
N GLU C 665 -46.92 -28.59 28.66
CA GLU C 665 -45.52 -28.94 28.99
C GLU C 665 -44.66 -29.14 27.72
N ARG C 666 -43.42 -28.67 27.80
CA ARG C 666 -42.29 -29.12 26.94
C ARG C 666 -41.50 -30.20 27.71
N LEU C 667 -41.28 -31.33 27.06
CA LEU C 667 -40.19 -32.26 27.41
C LEU C 667 -38.85 -31.52 27.26
N VAL C 668 -38.03 -31.57 28.34
CA VAL C 668 -36.72 -30.85 28.48
C VAL C 668 -35.55 -31.85 28.55
N SER C 669 -35.64 -32.86 29.42
CA SER C 669 -34.69 -34.02 29.47
C SER C 669 -35.33 -35.25 30.13
N THR C 670 -34.58 -36.35 30.15
CA THR C 670 -34.73 -37.53 31.05
C THR C 670 -33.36 -37.85 31.65
N ALA C 671 -33.28 -38.84 32.56
CA ALA C 671 -32.04 -39.24 33.27
C ALA C 671 -32.16 -40.60 33.95
N ARG C 672 -31.20 -41.47 33.71
CA ARG C 672 -31.17 -42.89 34.09
C ARG C 672 -29.90 -43.07 34.92
N THR C 673 -29.90 -42.61 36.17
CA THR C 673 -28.75 -42.76 37.09
C THR C 673 -28.94 -43.89 38.11
N THR C 674 -28.01 -43.99 39.05
CA THR C 674 -28.12 -44.96 40.16
C THR C 674 -27.91 -44.25 41.49
N GLU C 675 -27.07 -43.20 41.56
CA GLU C 675 -26.85 -42.47 42.83
C GLU C 675 -27.97 -41.44 42.98
N THR C 676 -28.02 -40.74 44.10
CA THR C 676 -29.18 -39.91 44.52
C THR C 676 -28.89 -38.43 44.23
N THR C 677 -28.35 -38.13 43.05
CA THR C 677 -27.80 -36.79 42.63
C THR C 677 -27.72 -36.72 41.12
N TYR C 678 -28.02 -35.57 40.56
CA TYR C 678 -27.93 -35.39 39.09
C TYR C 678 -27.96 -33.88 38.78
N ARG C 679 -27.65 -33.49 37.55
CA ARG C 679 -27.52 -32.07 37.14
C ARG C 679 -28.05 -31.86 35.71
N PHE C 680 -28.81 -30.80 35.45
CA PHE C 680 -29.36 -30.49 34.12
C PHE C 680 -28.74 -29.21 33.60
N THR C 681 -28.00 -29.21 32.45
CA THR C 681 -26.89 -28.24 32.12
C THR C 681 -27.30 -27.06 31.19
N GLN C 682 -27.23 -27.14 29.87
CA GLN C 682 -27.90 -26.13 29.01
C GLN C 682 -29.33 -26.05 29.63
N LEU C 683 -29.68 -24.97 30.33
CA LEU C 683 -31.09 -24.62 30.67
C LEU C 683 -31.47 -23.27 30.08
N ALA C 684 -32.75 -23.13 29.76
CA ALA C 684 -33.45 -21.83 29.58
C ALA C 684 -34.07 -21.44 30.95
N LEU C 685 -34.42 -20.18 31.04
CA LEU C 685 -35.24 -19.66 32.15
C LEU C 685 -36.67 -20.11 31.84
N GLY C 686 -37.25 -20.97 32.67
CA GLY C 686 -38.70 -21.21 32.67
C GLY C 686 -39.19 -21.81 33.98
N ASN C 687 -40.50 -21.95 34.12
CA ASN C 687 -41.13 -22.63 35.29
C ASN C 687 -40.93 -24.17 35.22
N TYR C 688 -39.92 -24.76 35.86
CA TYR C 688 -39.57 -26.20 35.70
C TYR C 688 -40.19 -27.09 36.76
N ARG C 689 -40.52 -28.32 36.33
CA ARG C 689 -40.90 -29.46 37.20
C ARG C 689 -40.12 -30.72 36.83
N LEU C 690 -39.48 -31.26 37.86
CA LEU C 690 -38.57 -32.41 37.77
C LEU C 690 -39.26 -33.54 38.50
N THR C 691 -39.47 -34.67 37.83
CA THR C 691 -40.11 -35.90 38.39
C THR C 691 -39.09 -37.04 38.43
N VAL C 692 -38.99 -37.68 39.59
CA VAL C 692 -38.01 -38.77 39.82
C VAL C 692 -38.81 -40.04 40.13
N ARG C 693 -38.34 -41.19 39.65
CA ARG C 693 -39.09 -42.46 39.76
C ARG C 693 -38.42 -43.31 40.82
N ALA C 694 -38.54 -44.63 40.65
CA ALA C 694 -37.61 -45.65 41.15
C ALA C 694 -38.01 -46.97 40.46
N VAL C 695 -37.24 -47.46 39.47
CA VAL C 695 -37.50 -48.77 38.77
C VAL C 695 -36.56 -49.82 39.39
N ASN C 696 -36.97 -51.11 39.49
CA ASN C 696 -36.14 -52.21 40.09
C ASN C 696 -35.55 -53.04 38.94
N ALA C 697 -34.77 -54.08 39.22
CA ALA C 697 -33.99 -54.79 38.18
C ALA C 697 -34.93 -55.27 37.05
N TRP C 698 -36.07 -55.86 37.41
CA TRP C 698 -37.07 -56.38 36.44
C TRP C 698 -37.56 -55.23 35.55
N GLY C 699 -37.86 -54.07 36.16
CA GLY C 699 -38.38 -52.86 35.47
C GLY C 699 -39.82 -52.57 35.84
N GLN C 700 -40.13 -52.58 37.14
CA GLN C 700 -41.44 -52.18 37.71
C GLN C 700 -41.27 -50.83 38.40
N GLN C 701 -41.77 -49.77 37.74
CA GLN C 701 -41.68 -48.34 38.13
C GLN C 701 -42.45 -48.08 39.44
N GLY C 702 -41.75 -47.55 40.46
CA GLY C 702 -42.32 -47.08 41.73
C GLY C 702 -43.17 -45.86 41.52
N ASP C 703 -43.84 -45.40 42.58
CA ASP C 703 -44.69 -44.18 42.55
C ASP C 703 -43.77 -42.98 42.37
N PRO C 704 -44.18 -41.91 41.65
CA PRO C 704 -43.29 -40.82 41.37
C PRO C 704 -43.32 -39.86 42.56
N ALA C 705 -42.29 -39.03 42.64
CA ALA C 705 -42.39 -37.71 43.28
C ALA C 705 -41.96 -36.65 42.26
N SER C 706 -42.23 -35.39 42.59
CA SER C 706 -41.98 -34.23 41.72
C SER C 706 -41.70 -33.02 42.58
N VAL C 707 -40.85 -32.12 42.08
CA VAL C 707 -40.62 -30.78 42.67
C VAL C 707 -40.64 -29.74 41.56
N SER C 708 -41.06 -28.55 41.96
CA SER C 708 -41.27 -27.40 41.07
C SER C 708 -40.45 -26.22 41.61
N PHE C 709 -39.78 -25.51 40.71
CA PHE C 709 -39.06 -24.23 40.98
C PHE C 709 -39.16 -23.33 39.74
N ARG C 710 -38.59 -22.12 39.84
CA ARG C 710 -38.55 -21.12 38.75
C ARG C 710 -37.14 -20.55 38.71
N ILE C 711 -36.88 -19.64 37.76
CA ILE C 711 -35.56 -18.99 37.46
C ILE C 711 -35.83 -17.52 37.08
N ALA C 712 -36.84 -16.90 37.70
CA ALA C 712 -37.34 -15.55 37.32
C ALA C 712 -36.15 -14.62 37.03
N ALA C 713 -36.12 -13.99 35.86
CA ALA C 713 -35.03 -13.08 35.43
C ALA C 713 -35.60 -11.71 35.08
N PRO C 714 -34.81 -10.60 35.16
CA PRO C 714 -35.28 -9.26 34.79
C PRO C 714 -35.60 -9.20 33.29
N ALA C 715 -36.54 -8.35 32.93
CA ALA C 715 -36.93 -8.20 31.52
C ALA C 715 -35.73 -7.57 30.81
N ALA C 716 -35.46 -8.00 29.57
CA ALA C 716 -34.35 -7.52 28.72
C ALA C 716 -34.51 -6.02 28.49
N PRO C 717 -33.42 -5.28 28.28
CA PRO C 717 -33.55 -3.94 27.73
C PRO C 717 -34.08 -4.08 26.30
N SER C 718 -35.22 -3.43 26.04
CA SER C 718 -36.06 -3.63 24.82
C SER C 718 -35.44 -2.91 23.61
N ARG C 719 -34.86 -1.72 23.83
CA ARG C 719 -34.20 -0.84 22.82
C ARG C 719 -33.11 -0.03 23.54
N ILE C 720 -31.87 -0.10 23.04
CA ILE C 720 -30.70 0.66 23.56
C ILE C 720 -30.20 1.58 22.43
N GLU C 721 -30.11 2.89 22.73
CA GLU C 721 -29.79 3.98 21.78
C GLU C 721 -28.29 4.28 21.90
N LEU C 722 -27.61 4.66 20.78
CA LEU C 722 -26.11 4.72 20.67
C LEU C 722 -25.56 5.94 19.89
N THR C 723 -25.67 7.13 20.48
CA THR C 723 -25.15 8.42 19.94
C THR C 723 -23.63 8.42 19.97
N PRO C 724 -22.99 8.79 18.85
CA PRO C 724 -21.54 8.87 18.79
C PRO C 724 -20.98 9.98 19.69
N GLY C 725 -19.69 10.16 19.56
CA GLY C 725 -18.96 11.26 20.19
C GLY C 725 -17.68 11.57 19.45
N TYR C 726 -16.77 12.27 20.12
CA TYR C 726 -15.38 12.44 19.70
C TYR C 726 -14.52 11.48 20.54
N PHE C 727 -14.03 10.45 19.84
CA PHE C 727 -13.24 9.30 20.36
C PHE C 727 -14.00 8.66 21.50
N GLN C 728 -15.30 8.66 21.38
CA GLN C 728 -16.14 8.17 22.45
C GLN C 728 -17.47 7.73 21.86
N ILE C 729 -18.25 7.07 22.71
CA ILE C 729 -19.55 6.43 22.35
C ILE C 729 -20.41 6.28 23.59
N THR C 730 -21.66 6.68 23.49
CA THR C 730 -22.61 6.54 24.58
C THR C 730 -23.57 5.45 24.17
N ALA C 731 -23.77 4.44 25.01
CA ALA C 731 -25.05 3.70 25.03
C ALA C 731 -25.96 4.22 26.14
N THR C 732 -27.20 4.58 25.81
CA THR C 732 -28.29 4.81 26.78
C THR C 732 -29.39 3.79 26.49
N PRO C 733 -29.54 2.73 27.33
CA PRO C 733 -30.51 1.67 27.05
C PRO C 733 -31.85 1.96 27.75
N HIS C 734 -32.96 1.41 27.23
CA HIS C 734 -34.34 1.52 27.80
C HIS C 734 -35.12 0.20 27.70
N LEU C 735 -35.97 -0.05 28.69
CA LEU C 735 -36.73 -1.30 28.85
C LEU C 735 -38.12 -1.10 28.22
N ALA C 736 -38.82 -2.17 27.80
CA ALA C 736 -40.16 -2.11 27.15
C ALA C 736 -41.15 -1.38 28.07
N VAL C 737 -41.07 -1.63 29.39
CA VAL C 737 -41.81 -0.88 30.46
C VAL C 737 -40.80 -0.26 31.45
N TYR C 738 -41.17 0.77 32.20
CA TYR C 738 -40.26 1.35 33.23
C TYR C 738 -40.15 0.35 34.39
N ASP C 739 -38.94 0.20 34.92
CA ASP C 739 -38.64 -0.72 36.06
C ASP C 739 -37.75 0.05 37.04
N PRO C 740 -38.20 0.30 38.29
CA PRO C 740 -37.41 1.12 39.21
C PRO C 740 -36.13 0.42 39.71
N THR C 741 -36.16 -0.90 39.87
CA THR C 741 -35.07 -1.69 40.51
C THR C 741 -34.13 -2.35 39.48
N VAL C 742 -34.09 -1.84 38.25
CA VAL C 742 -33.23 -2.37 37.15
C VAL C 742 -32.06 -1.42 36.96
N GLN C 743 -30.94 -1.99 36.60
CA GLN C 743 -29.67 -1.28 36.36
C GLN C 743 -29.01 -2.15 35.30
N PHE C 744 -28.39 -1.59 34.27
CA PHE C 744 -27.86 -2.46 33.20
C PHE C 744 -26.37 -2.64 33.33
N GLU C 745 -25.94 -3.83 32.95
CA GLU C 745 -24.52 -4.24 32.93
C GLU C 745 -24.02 -4.23 31.48
N PHE C 746 -22.97 -3.44 31.24
CA PHE C 746 -22.44 -3.20 29.87
C PHE C 746 -21.09 -3.85 29.63
N TRP C 747 -20.97 -4.65 28.56
CA TRP C 747 -19.69 -5.27 28.11
C TRP C 747 -19.49 -4.89 26.64
N PHE C 748 -18.31 -4.35 26.33
CA PHE C 748 -17.96 -3.70 25.04
C PHE C 748 -17.07 -4.61 24.20
N SER C 749 -17.32 -4.62 22.91
CA SER C 749 -16.54 -5.46 21.97
C SER C 749 -16.47 -4.78 20.61
N GLU C 750 -15.52 -5.23 19.81
CA GLU C 750 -15.14 -4.53 18.56
C GLU C 750 -15.42 -5.45 17.38
N LYS C 751 -15.68 -6.72 17.65
CA LYS C 751 -15.81 -7.75 16.61
C LYS C 751 -17.05 -8.48 17.01
N GLN C 752 -17.95 -8.74 16.07
CA GLN C 752 -19.22 -9.40 16.45
C GLN C 752 -18.85 -10.77 17.01
N ILE C 753 -19.09 -11.01 18.31
CA ILE C 753 -18.84 -12.34 18.91
C ILE C 753 -19.89 -13.32 18.35
N ALA C 754 -19.49 -14.58 18.21
CA ALA C 754 -20.21 -15.63 17.46
C ALA C 754 -21.61 -15.79 18.07
N ASP C 755 -21.66 -16.22 19.34
CA ASP C 755 -22.93 -16.43 20.06
C ASP C 755 -22.99 -15.54 21.29
N ILE C 756 -24.17 -15.49 21.89
CA ILE C 756 -24.56 -14.52 22.94
C ILE C 756 -24.41 -15.20 24.31
N ARG C 757 -23.47 -16.16 24.40
CA ARG C 757 -23.12 -16.94 25.62
C ARG C 757 -21.68 -16.67 26.05
N GLN C 758 -20.75 -16.57 25.10
CA GLN C 758 -19.29 -16.43 25.38
C GLN C 758 -18.97 -14.95 25.65
N VAL C 759 -19.97 -14.06 25.69
CA VAL C 759 -19.79 -12.60 25.99
C VAL C 759 -19.24 -12.47 27.41
N GLU C 760 -19.64 -13.35 28.32
CA GLU C 760 -19.12 -13.40 29.72
C GLU C 760 -17.59 -13.54 29.76
N THR C 761 -16.93 -13.93 28.65
CA THR C 761 -15.48 -14.27 28.55
C THR C 761 -14.75 -13.30 27.58
N SER C 762 -15.20 -13.22 26.34
CA SER C 762 -14.45 -12.69 25.16
C SER C 762 -14.72 -11.20 24.94
N THR C 763 -15.43 -10.54 25.86
CA THR C 763 -15.80 -9.11 25.75
C THR C 763 -15.36 -8.43 27.02
N ARG C 764 -14.71 -7.28 26.93
CA ARG C 764 -14.27 -6.54 28.15
C ARG C 764 -15.53 -6.14 28.92
N TYR C 765 -15.45 -6.19 30.25
CA TYR C 765 -16.51 -5.71 31.17
C TYR C 765 -16.23 -4.25 31.52
N LEU C 766 -16.87 -3.34 30.75
CA LEU C 766 -16.97 -1.88 30.97
C LEU C 766 -17.36 -1.56 32.44
N GLY C 767 -18.59 -1.90 32.84
CA GLY C 767 -19.27 -1.45 34.08
C GLY C 767 -20.80 -1.55 33.99
N THR C 768 -21.45 -0.82 34.88
CA THR C 768 -22.86 -1.05 35.29
C THR C 768 -23.44 0.26 35.85
N ALA C 769 -24.45 0.80 35.17
CA ALA C 769 -25.10 2.11 35.46
C ALA C 769 -26.48 2.13 34.82
N LEU C 770 -27.04 3.33 34.65
CA LEU C 770 -28.27 3.58 33.84
C LEU C 770 -27.90 3.81 32.37
N TYR C 771 -26.61 3.92 32.08
CA TYR C 771 -26.02 4.32 30.78
C TYR C 771 -24.50 4.22 30.98
N TRP C 772 -23.71 4.40 29.91
CA TRP C 772 -22.23 4.37 29.92
C TRP C 772 -21.65 5.26 28.84
N ILE C 773 -20.49 5.82 29.12
CA ILE C 773 -19.78 6.58 28.06
C ILE C 773 -18.38 5.99 27.93
N ALA C 774 -18.19 5.14 26.93
CA ALA C 774 -16.88 4.56 26.57
C ALA C 774 -16.12 5.62 25.82
N ALA C 775 -15.18 6.27 26.49
CA ALA C 775 -14.13 7.07 25.83
C ALA C 775 -12.81 6.31 25.99
N SER C 776 -11.96 6.46 24.99
CA SER C 776 -10.50 6.27 25.11
C SER C 776 -9.82 6.76 23.84
N ILE C 777 -8.54 6.45 23.74
CA ILE C 777 -7.68 6.78 22.57
C ILE C 777 -7.90 5.70 21.51
N ASN C 778 -8.59 4.61 21.85
CA ASN C 778 -8.64 3.41 20.97
C ASN C 778 -10.02 3.27 20.30
N ILE C 779 -11.08 3.94 20.78
CA ILE C 779 -12.39 3.93 20.05
C ILE C 779 -12.15 4.79 18.86
N LYS C 780 -11.84 4.22 17.71
CA LYS C 780 -11.39 5.08 16.59
C LYS C 780 -12.53 5.22 15.57
N PRO C 781 -12.64 6.39 14.95
CA PRO C 781 -13.79 6.70 14.11
C PRO C 781 -13.93 5.90 12.81
N GLY C 782 -15.16 5.54 12.45
CA GLY C 782 -15.39 4.63 11.30
C GLY C 782 -14.69 3.28 11.49
N HIS C 783 -15.03 2.63 12.63
CA HIS C 783 -14.90 1.17 12.99
C HIS C 783 -15.96 0.82 14.02
N ASP C 784 -17.03 0.15 13.62
CA ASP C 784 -18.22 -0.10 14.48
C ASP C 784 -17.83 -0.95 15.69
N TYR C 785 -18.42 -0.64 16.85
CA TYR C 785 -18.24 -1.30 18.17
C TYR C 785 -19.63 -1.80 18.67
N TYR C 786 -19.66 -3.09 18.96
CA TYR C 786 -20.86 -3.78 19.49
C TYR C 786 -20.89 -3.72 21.01
N PHE C 787 -21.92 -3.09 21.54
CA PHE C 787 -22.22 -3.09 23.01
C PHE C 787 -23.05 -4.32 23.38
N TYR C 788 -22.67 -5.08 24.42
CA TYR C 788 -23.56 -6.15 24.89
C TYR C 788 -24.09 -5.76 26.24
N ILE C 789 -25.40 -5.57 26.34
CA ILE C 789 -26.05 -5.04 27.57
C ILE C 789 -27.00 -6.10 28.10
N ARG C 790 -26.93 -6.43 29.38
CA ARG C 790 -27.94 -7.32 30.00
C ARG C 790 -28.53 -6.57 31.20
N SER C 791 -29.81 -6.70 31.42
CA SER C 791 -30.44 -6.00 32.56
C SER C 791 -30.03 -6.81 33.77
N VAL C 792 -29.69 -6.17 34.88
CA VAL C 792 -29.44 -6.88 36.16
C VAL C 792 -30.26 -6.19 37.25
N ASN C 793 -30.56 -6.93 38.32
CA ASN C 793 -31.25 -6.43 39.54
C ASN C 793 -31.14 -7.51 40.62
N THR C 794 -31.97 -7.39 41.66
CA THR C 794 -31.98 -8.30 42.84
C THR C 794 -32.31 -9.74 42.40
N VAL C 795 -33.09 -9.92 41.33
CA VAL C 795 -33.79 -11.19 40.99
C VAL C 795 -32.92 -12.04 40.06
N GLY C 796 -32.13 -11.42 39.21
CA GLY C 796 -31.19 -12.17 38.36
C GLY C 796 -30.73 -11.28 37.26
N LYS C 797 -30.22 -11.88 36.19
CA LYS C 797 -29.67 -11.20 34.98
C LYS C 797 -30.45 -11.72 33.76
N SER C 798 -30.76 -10.88 32.79
CA SER C 798 -31.58 -11.30 31.63
C SER C 798 -30.68 -12.00 30.63
N ALA C 799 -31.13 -12.14 29.38
CA ALA C 799 -30.21 -12.40 28.25
C ALA C 799 -29.42 -11.11 27.88
N PHE C 800 -28.47 -11.28 26.98
CA PHE C 800 -27.58 -10.23 26.43
C PHE C 800 -28.22 -9.63 25.18
N VAL C 801 -28.62 -8.37 25.28
CA VAL C 801 -28.98 -7.51 24.11
C VAL C 801 -27.71 -6.98 23.43
N GLU C 802 -27.67 -7.12 22.13
CA GLU C 802 -26.50 -6.60 21.41
C GLU C 802 -26.88 -5.30 20.71
N ALA C 803 -25.89 -4.45 20.45
CA ALA C 803 -26.06 -3.28 19.56
C ALA C 803 -24.71 -2.84 19.00
N VAL C 804 -24.76 -2.14 17.89
CA VAL C 804 -23.57 -1.58 17.24
C VAL C 804 -23.46 -0.14 17.74
N GLY C 805 -22.26 0.45 17.64
CA GLY C 805 -22.03 1.92 17.73
C GLY C 805 -20.81 2.46 16.96
N ARG C 806 -20.67 3.76 16.88
CA ARG C 806 -19.58 4.33 16.07
C ARG C 806 -18.85 5.43 16.86
N ALA C 807 -18.02 6.21 16.19
CA ALA C 807 -17.55 7.52 16.65
C ALA C 807 -18.02 8.50 15.60
N SER C 808 -18.03 9.78 15.89
CA SER C 808 -18.82 10.75 15.11
C SER C 808 -18.49 10.77 13.60
N ASP C 809 -17.19 10.71 13.25
CA ASP C 809 -16.68 10.71 11.86
C ASP C 809 -16.36 12.15 11.45
N ASP C 810 -17.17 13.14 11.83
CA ASP C 810 -17.16 14.52 11.26
C ASP C 810 -15.79 15.19 11.48
N ALA C 811 -15.05 15.52 10.40
CA ALA C 811 -13.58 15.76 10.34
C ALA C 811 -13.16 16.93 11.21
N GLU C 812 -13.70 18.09 10.86
CA GLU C 812 -13.57 19.39 11.59
C GLU C 812 -14.11 19.26 13.04
N GLY C 813 -15.05 18.34 13.31
CA GLY C 813 -15.52 17.98 14.66
C GLY C 813 -14.43 17.27 15.49
N TYR C 814 -13.35 16.78 14.87
CA TYR C 814 -12.23 16.13 15.58
C TYR C 814 -11.17 17.16 15.87
N LEU C 815 -11.06 18.20 15.08
CA LEU C 815 -9.89 19.07 15.22
C LEU C 815 -9.92 19.95 16.48
N ASP C 816 -11.12 20.40 16.82
CA ASP C 816 -11.40 21.14 18.08
C ASP C 816 -11.05 20.22 19.26
N PHE C 817 -11.38 18.92 19.18
CA PHE C 817 -11.11 17.91 20.23
C PHE C 817 -9.61 17.83 20.46
N PHE C 818 -8.89 17.63 19.38
CA PHE C 818 -7.42 17.57 19.41
C PHE C 818 -6.88 18.87 19.95
N LYS C 819 -7.34 20.03 19.45
CA LYS C 819 -6.88 21.36 19.95
C LYS C 819 -6.98 21.30 21.49
N GLY C 820 -8.13 20.87 22.04
CA GLY C 820 -8.41 20.74 23.49
C GLY C 820 -7.43 19.86 24.22
N LYS C 821 -7.06 18.72 23.65
CA LYS C 821 -6.09 17.81 24.33
C LYS C 821 -4.73 18.50 24.32
N ILE C 822 -4.44 19.12 23.19
CA ILE C 822 -3.06 19.55 22.91
C ILE C 822 -2.81 20.53 24.02
N THR C 823 -3.79 21.42 24.20
CA THR C 823 -3.62 22.69 24.96
C THR C 823 -3.30 22.34 26.42
N GLU C 824 -3.88 21.25 26.90
CA GLU C 824 -3.87 20.84 28.34
C GLU C 824 -2.64 19.97 28.59
N SER C 825 -1.44 20.40 28.20
CA SER C 825 -0.22 19.55 28.24
C SER C 825 1.01 20.39 28.50
N HIS C 826 2.15 19.73 28.59
CA HIS C 826 3.47 20.39 28.57
C HIS C 826 3.62 21.31 27.36
N LEU C 827 3.47 20.84 26.12
CA LEU C 827 3.79 21.67 24.90
C LEU C 827 2.78 22.84 24.70
N GLY C 828 1.50 22.62 25.02
CA GLY C 828 0.47 23.68 25.03
C GLY C 828 0.84 24.80 26.00
N LYS C 829 1.16 24.43 27.24
CA LYS C 829 1.53 25.37 28.33
C LYS C 829 3.05 25.60 28.40
N GLU C 830 3.79 25.34 27.31
CA GLU C 830 5.23 25.70 27.17
C GLU C 830 5.50 26.31 25.80
N LEU C 831 5.27 25.60 24.71
CA LEU C 831 5.59 26.13 23.36
C LEU C 831 4.74 27.35 23.03
N LEU C 832 3.45 27.31 23.39
CA LEU C 832 2.53 28.48 23.45
C LEU C 832 2.12 28.65 24.93
N GLU C 833 1.43 29.74 25.25
CA GLU C 833 1.13 30.18 26.65
C GLU C 833 2.41 30.32 27.49
N LYS C 834 3.50 30.86 26.93
CA LYS C 834 4.66 31.29 27.74
C LYS C 834 5.02 32.77 27.48
N VAL C 835 5.20 33.48 28.59
CA VAL C 835 4.97 34.94 28.74
C VAL C 835 6.30 35.65 28.99
N GLU C 836 7.38 35.21 28.33
CA GLU C 836 8.71 35.88 28.42
C GLU C 836 8.78 36.94 27.31
N LEU C 837 9.93 37.62 27.16
CA LEU C 837 10.16 38.79 26.26
C LEU C 837 9.12 39.87 26.54
N THR C 838 9.40 40.70 27.56
CA THR C 838 8.48 41.75 28.10
C THR C 838 8.91 43.13 27.56
N GLU C 839 9.79 43.16 26.55
CA GLU C 839 10.30 44.40 25.89
C GLU C 839 10.06 44.29 24.39
N ASP C 840 9.46 45.31 23.78
CA ASP C 840 9.31 45.35 22.31
C ASP C 840 10.70 45.16 21.71
N ASN C 841 10.79 44.36 20.65
CA ASN C 841 12.01 44.05 19.85
C ASN C 841 12.92 43.12 20.68
N ALA C 842 12.92 41.82 20.32
CA ALA C 842 13.87 40.80 20.80
C ALA C 842 13.77 39.51 19.94
N SER C 843 14.53 38.46 20.29
CA SER C 843 14.51 37.09 19.67
C SER C 843 15.18 36.03 20.57
N ARG C 844 14.49 35.66 21.67
CA ARG C 844 14.86 34.67 22.73
C ARG C 844 14.79 33.23 22.18
N LEU C 845 15.43 32.95 21.04
CA LEU C 845 15.42 31.64 20.31
C LEU C 845 15.99 30.53 21.21
N GLU C 846 15.09 29.78 21.83
CA GLU C 846 15.29 29.00 23.09
C GLU C 846 15.23 27.51 22.73
N GLU C 847 15.93 26.65 23.46
CA GLU C 847 15.97 25.19 23.12
C GLU C 847 16.53 24.40 24.32
N PHE C 848 15.72 23.53 24.91
CA PHE C 848 16.05 22.84 26.19
C PHE C 848 15.38 21.46 26.22
N SER C 849 15.56 20.76 27.34
CA SER C 849 14.96 19.44 27.67
C SER C 849 14.79 19.30 29.19
N LYS C 850 13.56 19.31 29.69
CA LYS C 850 13.25 19.20 31.14
C LYS C 850 12.42 17.93 31.37
N GLU C 851 12.80 17.19 32.42
CA GLU C 851 12.08 16.00 32.94
C GLU C 851 11.98 16.18 34.46
N TRP C 852 10.84 15.80 35.04
CA TRP C 852 10.50 16.08 36.46
C TRP C 852 9.28 15.27 36.90
N LYS C 853 9.15 15.14 38.21
CA LYS C 853 8.03 14.43 38.88
C LYS C 853 6.89 15.42 39.08
N ASP C 854 5.66 14.92 39.07
CA ASP C 854 4.42 15.74 39.13
C ASP C 854 3.72 15.42 40.45
N ALA C 855 2.57 16.07 40.69
CA ALA C 855 1.68 15.91 41.87
C ALA C 855 1.14 14.47 41.98
N SER C 856 1.04 13.75 40.86
CA SER C 856 0.67 12.31 40.81
C SER C 856 1.89 11.45 41.16
N ASP C 857 3.07 12.08 41.24
CA ASP C 857 4.37 11.45 41.59
C ASP C 857 4.76 10.41 40.53
N LYS C 858 4.65 10.78 39.26
CA LYS C 858 5.12 10.00 38.07
C LYS C 858 6.07 10.90 37.29
N TRP C 859 7.00 10.32 36.52
CA TRP C 859 7.95 11.07 35.67
C TRP C 859 7.22 11.61 34.42
N ASN C 860 7.56 12.82 33.95
CA ASN C 860 7.16 13.37 32.63
C ASN C 860 8.34 14.05 31.95
N ALA C 861 8.29 14.15 30.63
CA ALA C 861 9.41 14.59 29.78
C ALA C 861 8.94 15.50 28.63
N MET C 862 9.77 16.48 28.29
CA MET C 862 9.67 17.30 27.08
C MET C 862 11.07 17.76 26.63
N TRP C 863 11.35 17.76 25.34
CA TRP C 863 12.47 18.55 24.80
C TRP C 863 11.98 19.32 23.58
N ALA C 864 12.31 20.63 23.49
CA ALA C 864 11.72 21.62 22.54
C ALA C 864 12.77 22.54 21.94
N VAL C 865 12.38 23.15 20.84
CA VAL C 865 12.92 24.48 20.42
C VAL C 865 11.73 25.43 20.53
N LYS C 866 11.71 26.33 21.51
CA LYS C 866 10.78 27.51 21.53
C LYS C 866 11.47 28.79 21.03
N ILE C 867 11.07 29.38 19.89
CA ILE C 867 11.54 30.75 19.48
C ILE C 867 10.32 31.66 19.51
N GLU C 868 10.53 32.94 19.81
CA GLU C 868 9.46 33.93 20.03
C GLU C 868 10.03 35.35 19.87
N GLN C 869 9.21 36.28 19.41
CA GLN C 869 9.57 37.70 19.20
C GLN C 869 8.52 38.60 19.86
N THR C 870 8.91 39.87 20.07
CA THR C 870 8.03 41.04 20.34
C THR C 870 8.37 42.13 19.29
N LYS C 871 7.39 42.57 18.49
CA LYS C 871 7.55 43.75 17.58
C LYS C 871 6.23 44.52 17.46
N ASP C 872 6.31 45.86 17.46
CA ASP C 872 5.17 46.78 17.24
C ASP C 872 4.09 46.55 18.30
N GLY C 873 4.51 46.24 19.54
CA GLY C 873 3.61 46.09 20.70
C GLY C 873 2.82 44.80 20.68
N LYS C 874 3.20 43.83 19.84
CA LYS C 874 2.55 42.49 19.76
C LYS C 874 3.60 41.38 19.85
N HIS C 875 3.14 40.14 20.08
CA HIS C 875 3.93 38.91 20.39
C HIS C 875 3.87 37.92 19.21
N TYR C 876 4.89 37.05 19.03
CA TYR C 876 4.87 35.83 18.16
C TYR C 876 5.80 34.73 18.72
N VAL C 877 5.81 33.55 18.05
CA VAL C 877 6.42 32.28 18.52
C VAL C 877 6.30 31.24 17.39
N ALA C 878 7.15 30.19 17.40
CA ALA C 878 7.13 28.93 16.58
C ALA C 878 8.10 27.88 17.16
N GLY C 879 7.63 26.64 17.18
CA GLY C 879 7.83 25.74 18.32
C GLY C 879 7.65 24.27 17.97
N ILE C 880 8.81 23.62 17.77
CA ILE C 880 9.07 22.16 17.53
C ILE C 880 9.35 21.54 18.91
N GLY C 881 8.31 20.93 19.47
CA GLY C 881 8.41 20.29 20.78
C GLY C 881 8.00 18.85 20.75
N LEU C 882 8.72 18.02 21.50
CA LEU C 882 8.44 16.56 21.60
C LEU C 882 8.45 16.19 23.06
N SER C 883 7.49 15.35 23.44
CA SER C 883 7.31 14.92 24.84
C SER C 883 6.76 13.49 24.92
N MET C 884 6.60 13.06 26.19
CA MET C 884 5.73 11.95 26.68
C MET C 884 5.33 12.25 28.14
N GLU C 885 4.06 12.66 28.31
CA GLU C 885 3.42 13.04 29.61
C GLU C 885 2.59 11.86 30.13
N ASP C 886 2.29 11.87 31.41
CA ASP C 886 1.61 10.73 32.06
C ASP C 886 0.12 10.92 31.84
N THR C 887 -0.61 9.83 31.91
CA THR C 887 -2.08 9.85 32.03
C THR C 887 -2.42 8.94 33.20
N GLU C 888 -3.69 8.96 33.60
CA GLU C 888 -4.20 8.14 34.72
C GLU C 888 -3.77 6.67 34.50
N GLU C 889 -3.77 6.13 33.27
CA GLU C 889 -3.56 4.68 33.01
C GLU C 889 -2.18 4.36 32.40
N GLY C 890 -1.41 5.34 31.89
CA GLY C 890 -0.19 5.07 31.07
C GLY C 890 0.59 6.33 30.76
N LYS C 891 1.43 6.34 29.71
CA LYS C 891 2.09 7.60 29.20
C LYS C 891 1.70 7.88 27.73
N LEU C 892 1.22 9.09 27.40
CA LEU C 892 0.94 9.52 26.01
C LEU C 892 2.08 10.37 25.44
N SER C 893 2.84 9.87 24.44
CA SER C 893 3.88 10.61 23.65
C SER C 893 3.23 11.89 23.15
N GLN C 894 3.88 12.57 22.21
CA GLN C 894 3.27 13.67 21.41
C GLN C 894 4.39 14.41 20.70
N PHE C 895 4.12 14.91 19.51
CA PHE C 895 5.14 15.68 18.77
C PHE C 895 4.53 16.81 17.99
N LEU C 896 4.39 17.89 18.71
CA LEU C 896 3.47 18.97 18.36
C LEU C 896 4.28 20.09 17.66
N VAL C 897 3.95 20.47 16.42
CA VAL C 897 4.75 21.52 15.74
C VAL C 897 3.82 22.62 15.37
N ALA C 898 4.06 23.78 15.98
CA ALA C 898 3.35 25.05 15.69
C ALA C 898 4.28 25.99 14.90
N ALA C 899 3.81 26.62 13.84
CA ALA C 899 4.63 27.48 12.96
C ALA C 899 3.66 28.07 11.98
N ASN C 900 4.09 29.04 11.21
CA ASN C 900 3.09 29.81 10.43
C ASN C 900 2.93 29.03 9.09
N ARG C 901 3.77 28.02 8.86
CA ARG C 901 3.74 27.20 7.62
C ARG C 901 4.78 26.06 7.71
N ILE C 902 4.32 24.84 7.43
CA ILE C 902 5.09 23.57 7.45
C ILE C 902 5.03 22.98 6.05
N ALA C 903 6.20 22.59 5.54
CA ALA C 903 6.40 21.85 4.27
C ALA C 903 7.73 21.05 4.26
N PHE C 904 7.74 19.92 3.56
CA PHE C 904 8.93 19.08 3.34
C PHE C 904 9.28 18.87 1.87
N ILE C 905 10.46 18.32 1.56
CA ILE C 905 10.86 18.12 0.15
C ILE C 905 11.76 16.88 0.05
N ASP C 906 11.80 16.30 -1.16
CA ASP C 906 12.88 15.38 -1.66
C ASP C 906 13.88 16.22 -2.46
N PRO C 907 15.04 16.55 -1.85
CA PRO C 907 16.06 17.33 -2.55
C PRO C 907 16.77 16.71 -3.77
N ALA C 908 16.41 15.49 -4.20
CA ALA C 908 17.03 14.71 -5.30
C ALA C 908 17.21 15.54 -6.58
N ASN C 909 18.42 15.60 -7.15
CA ASN C 909 18.81 16.39 -8.38
C ASN C 909 18.16 17.78 -8.40
N GLY C 910 18.55 18.61 -7.41
CA GLY C 910 18.32 20.06 -7.34
C GLY C 910 16.90 20.41 -6.92
N ASN C 911 16.02 19.42 -6.80
CA ASN C 911 14.56 19.60 -6.60
C ASN C 911 14.29 20.11 -5.17
N GLU C 912 13.58 21.26 -5.05
CA GLU C 912 13.36 21.99 -3.77
C GLU C 912 11.87 22.25 -3.46
N THR C 913 10.93 21.98 -4.38
CA THR C 913 9.45 22.12 -4.17
C THR C 913 8.94 21.17 -3.09
N PRO C 914 8.31 21.66 -1.99
CA PRO C 914 7.90 20.79 -0.90
C PRO C 914 6.96 19.71 -1.40
N MET C 915 7.02 18.50 -0.81
CA MET C 915 6.13 17.39 -1.20
C MET C 915 4.69 17.66 -0.74
N PHE C 916 4.55 18.37 0.41
CA PHE C 916 3.26 18.80 1.05
C PHE C 916 3.49 20.23 1.63
N VAL C 917 2.40 20.89 2.03
CA VAL C 917 2.41 22.19 2.80
C VAL C 917 1.12 22.41 3.64
N ALA C 918 1.13 23.29 4.65
CA ALA C 918 -0.07 23.71 5.45
C ALA C 918 0.22 24.87 6.44
N GLN C 919 -0.76 25.73 6.71
CA GLN C 919 -0.54 27.14 7.12
C GLN C 919 -1.94 27.62 7.41
N GLY C 920 -2.25 27.91 8.66
CA GLY C 920 -3.64 28.27 8.99
C GLY C 920 -4.66 27.47 8.17
N ASN C 921 -4.74 26.16 8.38
CA ASN C 921 -5.87 25.28 7.98
C ASN C 921 -6.16 25.19 6.44
N GLN C 922 -5.15 24.89 5.61
CA GLN C 922 -5.30 24.53 4.17
C GLN C 922 -4.02 23.78 3.84
N ILE C 923 -4.07 22.47 3.47
CA ILE C 923 -2.90 21.53 3.33
C ILE C 923 -2.69 20.96 1.90
N PHE C 924 -1.52 21.19 1.38
CA PHE C 924 -1.28 21.14 -0.08
C PHE C 924 -0.38 19.95 -0.43
N MET C 925 -1.00 18.81 -0.77
CA MET C 925 -0.35 17.50 -1.03
C MET C 925 -0.29 17.29 -2.56
N ASN C 926 0.84 16.81 -3.09
CA ASN C 926 0.73 16.09 -4.36
C ASN C 926 0.33 14.64 -4.03
N ASP C 927 0.24 13.82 -5.10
CA ASP C 927 -0.68 12.65 -5.17
C ASP C 927 -0.51 11.79 -3.91
N VAL C 928 -1.65 11.29 -3.47
CA VAL C 928 -1.71 10.50 -2.23
C VAL C 928 -2.33 9.16 -2.65
N PHE C 929 -1.90 7.98 -2.12
CA PHE C 929 -2.77 6.77 -2.06
C PHE C 929 -3.21 6.70 -0.60
N LEU C 930 -4.52 6.90 -0.40
CA LEU C 930 -5.20 6.88 0.91
C LEU C 930 -5.64 5.46 1.12
N LYS C 931 -5.63 4.97 2.36
CA LYS C 931 -6.23 3.64 2.58
C LYS C 931 -7.73 3.86 2.41
N ARG C 932 -8.32 4.82 3.12
CA ARG C 932 -9.72 5.30 2.86
C ARG C 932 -9.86 6.72 3.40
N LEU C 933 -10.73 7.50 2.76
CA LEU C 933 -10.84 8.99 2.81
C LEU C 933 -12.00 9.24 3.75
N THR C 934 -12.73 10.33 3.65
CA THR C 934 -14.14 10.33 4.11
C THR C 934 -14.52 11.77 4.38
N ALA C 935 -14.65 12.56 3.31
CA ALA C 935 -14.94 14.01 3.43
C ALA C 935 -16.42 14.24 3.09
N PRO C 936 -17.05 15.30 3.60
CA PRO C 936 -18.42 15.52 3.18
C PRO C 936 -18.42 16.33 1.89
N THR C 937 -17.27 16.65 1.27
CA THR C 937 -17.27 17.62 0.13
C THR C 937 -16.14 17.47 -0.90
N ILE C 938 -16.45 17.51 -2.19
CA ILE C 938 -15.43 17.25 -3.24
C ILE C 938 -15.69 18.09 -4.50
N THR C 939 -14.63 18.52 -5.18
CA THR C 939 -14.69 19.54 -6.26
C THR C 939 -13.56 19.25 -7.19
N SER C 940 -13.77 19.54 -8.46
CA SER C 940 -12.73 19.55 -9.49
C SER C 940 -11.90 20.85 -9.35
N GLY C 941 -12.34 21.79 -8.50
CA GLY C 941 -11.95 23.21 -8.51
C GLY C 941 -12.65 24.02 -9.61
N GLY C 942 -12.65 25.36 -9.46
CA GLY C 942 -13.24 26.32 -10.42
C GLY C 942 -14.63 26.76 -10.00
N ASN C 943 -15.44 27.29 -10.93
CA ASN C 943 -16.85 27.65 -10.61
C ASN C 943 -17.83 27.28 -11.74
N PRO C 944 -17.46 26.36 -12.64
CA PRO C 944 -18.22 25.14 -12.82
C PRO C 944 -17.42 23.93 -12.33
N PRO C 945 -17.55 23.50 -11.04
CA PRO C 945 -17.07 22.18 -10.63
C PRO C 945 -17.31 21.07 -11.68
N ALA C 946 -16.27 20.58 -12.40
CA ALA C 946 -16.33 19.46 -13.39
C ALA C 946 -17.08 18.25 -12.81
N PHE C 947 -16.98 18.10 -11.50
CA PHE C 947 -17.85 17.19 -10.72
C PHE C 947 -17.87 17.67 -9.28
N SER C 948 -18.82 17.17 -8.50
CA SER C 948 -18.90 17.52 -7.07
C SER C 948 -19.80 16.51 -6.36
N LEU C 949 -19.62 16.40 -5.05
CA LEU C 949 -20.49 15.66 -4.12
C LEU C 949 -20.59 16.54 -2.89
N THR C 950 -21.75 16.63 -2.27
CA THR C 950 -21.95 17.65 -1.21
C THR C 950 -22.57 16.97 -0.03
N PRO C 951 -22.49 17.58 1.16
CA PRO C 951 -23.11 17.02 2.36
C PRO C 951 -24.60 16.63 2.24
N ASP C 952 -25.31 17.14 1.24
CA ASP C 952 -26.75 16.82 1.01
C ASP C 952 -26.91 15.50 0.20
N GLY C 953 -25.90 15.01 -0.51
CA GLY C 953 -26.08 13.84 -1.39
C GLY C 953 -25.99 14.16 -2.89
N LYS C 954 -26.10 15.42 -3.32
CA LYS C 954 -26.11 15.75 -4.78
C LYS C 954 -24.77 15.43 -5.46
N LEU C 955 -24.75 14.56 -6.49
CA LEU C 955 -23.53 14.24 -7.31
C LEU C 955 -23.55 15.04 -8.61
N THR C 956 -23.21 16.32 -8.49
CA THR C 956 -23.04 17.25 -9.61
C THR C 956 -21.94 16.75 -10.55
N ALA C 957 -22.27 16.51 -11.82
CA ALA C 957 -21.39 15.82 -12.78
C ALA C 957 -21.39 16.63 -14.09
N LYS C 958 -20.76 16.08 -15.14
CA LYS C 958 -20.99 16.44 -16.56
C LYS C 958 -21.38 15.23 -17.42
N ASN C 959 -20.60 14.13 -17.55
CA ASN C 959 -20.89 12.99 -18.49
C ASN C 959 -20.58 11.60 -17.88
N ALA C 960 -21.61 10.84 -17.51
CA ALA C 960 -21.63 9.93 -16.34
C ALA C 960 -21.77 8.45 -16.69
N ASP C 961 -20.73 7.82 -17.27
CA ASP C 961 -20.79 6.46 -17.91
C ASP C 961 -20.72 5.38 -16.82
N ILE C 962 -21.49 4.32 -16.96
CA ILE C 962 -21.74 3.35 -15.86
C ILE C 962 -21.82 1.97 -16.52
N SER C 963 -20.77 1.16 -16.36
CA SER C 963 -20.71 -0.21 -16.92
C SER C 963 -21.88 -1.05 -16.37
N GLY C 964 -22.47 -0.66 -15.22
CA GLY C 964 -23.57 -1.38 -14.52
C GLY C 964 -24.88 -0.62 -14.54
N SER C 965 -25.79 -0.92 -13.60
CA SER C 965 -27.16 -0.32 -13.57
C SER C 965 -27.15 1.06 -12.89
N VAL C 966 -28.34 1.70 -12.85
CA VAL C 966 -28.70 2.96 -12.12
C VAL C 966 -30.10 2.75 -11.50
N ASN C 967 -30.22 1.98 -10.43
CA ASN C 967 -31.51 1.97 -9.70
C ASN C 967 -31.81 3.40 -9.20
N ALA C 968 -32.30 4.33 -10.04
CA ALA C 968 -32.81 5.67 -9.63
C ALA C 968 -34.35 5.65 -9.51
N ASN C 969 -34.89 5.93 -8.31
CA ASN C 969 -36.33 6.18 -7.99
C ASN C 969 -37.02 7.04 -9.07
N SER C 970 -36.28 7.77 -9.92
CA SER C 970 -36.84 8.68 -10.96
C SER C 970 -35.75 8.99 -12.03
N GLY C 971 -36.20 9.50 -13.20
CA GLY C 971 -35.44 10.16 -14.29
C GLY C 971 -35.97 11.58 -14.57
N THR C 972 -35.25 12.41 -15.34
CA THR C 972 -35.71 13.80 -15.73
C THR C 972 -34.85 14.34 -16.91
N LEU C 973 -35.04 13.81 -18.12
CA LEU C 973 -34.13 13.94 -19.29
C LEU C 973 -34.77 14.77 -20.41
N SER C 974 -34.06 14.88 -21.53
CA SER C 974 -34.61 15.22 -22.88
C SER C 974 -34.57 13.96 -23.76
N ASN C 975 -33.39 13.59 -24.30
CA ASN C 975 -33.16 12.77 -25.54
C ASN C 975 -32.59 11.37 -25.25
N VAL C 976 -33.47 10.37 -25.17
CA VAL C 976 -33.13 8.97 -24.77
C VAL C 976 -33.05 8.08 -26.02
N THR C 977 -32.43 6.90 -25.89
CA THR C 977 -32.08 5.95 -26.97
C THR C 977 -31.68 4.60 -26.36
N ILE C 978 -32.65 3.72 -26.21
CA ILE C 978 -32.52 2.35 -25.66
C ILE C 978 -32.26 1.40 -26.85
N ALA C 979 -31.16 0.63 -26.82
CA ALA C 979 -30.72 -0.24 -27.94
C ALA C 979 -31.24 -1.67 -27.72
N GLU C 980 -32.04 -1.91 -26.67
CA GLU C 980 -32.75 -3.20 -26.36
C GLU C 980 -33.94 -2.89 -25.42
N ASN C 981 -34.57 -3.92 -24.85
CA ASN C 981 -35.91 -3.88 -24.16
C ASN C 981 -36.11 -2.61 -23.32
N CYS C 982 -37.19 -1.87 -23.56
CA CYS C 982 -37.63 -0.74 -22.70
C CYS C 982 -39.01 -1.04 -22.14
N THR C 983 -39.05 -1.61 -20.95
CA THR C 983 -40.26 -2.06 -20.25
C THR C 983 -40.89 -0.86 -19.54
N ILE C 984 -42.23 -0.74 -19.60
CA ILE C 984 -43.09 0.24 -18.85
C ILE C 984 -44.23 -0.54 -18.19
N ASN C 985 -44.34 -0.48 -16.86
CA ASN C 985 -45.41 -1.19 -16.10
C ASN C 985 -46.41 -0.15 -15.60
N GLY C 986 -46.22 1.13 -15.97
CA GLY C 986 -47.13 2.21 -15.54
C GLY C 986 -47.91 2.79 -16.70
N THR C 987 -48.38 4.03 -16.50
CA THR C 987 -49.32 4.81 -17.37
C THR C 987 -48.53 5.65 -18.40
N LEU C 988 -48.21 5.05 -19.55
CA LEU C 988 -47.41 5.65 -20.66
C LEU C 988 -48.29 6.65 -21.41
N ARG C 989 -47.84 7.91 -21.54
CA ARG C 989 -48.52 9.00 -22.29
C ARG C 989 -47.60 9.40 -23.44
N ALA C 990 -48.14 9.70 -24.63
CA ALA C 990 -47.36 10.10 -25.84
C ALA C 990 -48.21 10.99 -26.77
N GLU C 991 -47.54 11.92 -27.48
CA GLU C 991 -48.15 12.92 -28.40
C GLU C 991 -48.11 12.37 -29.83
N LYS C 992 -46.91 12.29 -30.41
CA LYS C 992 -46.66 11.81 -31.80
C LYS C 992 -45.88 10.49 -31.75
N ILE C 993 -46.32 9.49 -32.52
CA ILE C 993 -45.68 8.13 -32.58
C ILE C 993 -45.44 7.77 -34.05
N VAL C 994 -44.21 7.36 -34.36
CA VAL C 994 -43.81 6.71 -35.64
C VAL C 994 -42.64 5.75 -35.31
N GLY C 995 -42.87 4.43 -35.41
CA GLY C 995 -41.89 3.36 -35.10
C GLY C 995 -41.87 2.26 -36.16
#